data_8HB2
#
_entry.id   8HB2
#
_cell.length_a   180.237
_cell.length_b   75.386
_cell.length_c   117.215
_cell.angle_alpha   90.00
_cell.angle_beta   112.53
_cell.angle_gamma   90.00
#
_symmetry.space_group_name_H-M   'C 1 2 1'
#
loop_
_entity.id
_entity.type
_entity.pdbx_description
1 polymer 'DNA N6-methyl adenine demethylase'
2 non-polymer 'MANGANESE (II) ION'
3 non-polymer '2-OXOGLUTARIC ACID'
4 water water
#
_entity_poly.entity_id   1
_entity_poly.type   'polypeptide(L)'
_entity_poly.pdbx_seq_one_letter_code
;HHHHHHENLYFQGSMGSAEQACGCKGARFCALCETTERVKKLRVVEDKHVNYKVFIYDHIRQIAIPTTNLNSQSSLEDII
DESTSCQSVSTDGSIEIDGLTLIHNFLSESEESKILNMIDTVKWAKSKSGRRKQDYGPKVNFKHKKVKTDTFVGMPEYAD
MLLNKMSEYDVKKLGNYQPFEMCNLEYEEVKKSAIEMHQDDMWIWGNRLISINLINGSVMTLSNDNKSFLCYVHMPHRSL
LCMADECRYDWKHGVLAHHIRGRRIALTMREAAKDFAEGGELYEKYGAELIRLGNIRVPLSKTSV
;
_entity_poly.pdbx_strand_id   A,B,C,D
#
loop_
_chem_comp.id
_chem_comp.type
_chem_comp.name
_chem_comp.formula
AKG non-polymer '2-OXOGLUTARIC ACID' 'C5 H6 O5'
MN non-polymer 'MANGANESE (II) ION' 'Mn 2'
#
# COMPACT_ATOMS: atom_id res chain seq x y z
N VAL A 50 8.23 -71.49 -19.36
CA VAL A 50 8.37 -72.24 -18.08
C VAL A 50 9.25 -73.47 -18.32
N ASN A 51 9.04 -74.16 -19.44
CA ASN A 51 9.82 -75.38 -19.76
C ASN A 51 11.09 -74.94 -20.47
N TYR A 52 11.87 -74.09 -19.82
CA TYR A 52 13.13 -73.58 -20.43
C TYR A 52 14.18 -73.47 -19.34
N LYS A 53 15.45 -73.60 -19.72
CA LYS A 53 16.55 -73.49 -18.73
C LYS A 53 16.69 -72.02 -18.32
N VAL A 54 16.85 -71.78 -17.02
CA VAL A 54 16.96 -70.38 -16.52
C VAL A 54 18.40 -70.12 -16.13
N PHE A 55 18.94 -68.97 -16.51
CA PHE A 55 20.33 -68.60 -16.18
C PHE A 55 20.31 -67.22 -15.52
N ILE A 56 21.36 -66.90 -14.75
CA ILE A 56 21.49 -65.56 -14.13
C ILE A 56 22.82 -64.99 -14.59
N TYR A 57 22.92 -63.69 -14.80
CA TYR A 57 24.17 -63.13 -15.39
C TYR A 57 25.21 -62.79 -14.33
N ASP A 58 26.44 -63.29 -14.49
CA ASP A 58 27.54 -62.89 -13.58
C ASP A 58 28.33 -61.79 -14.28
N HIS A 59 28.16 -60.54 -13.86
CA HIS A 59 28.82 -59.40 -14.54
C HIS A 59 30.33 -59.55 -14.43
N ILE A 60 30.83 -60.05 -13.31
CA ILE A 60 32.30 -60.10 -13.13
C ILE A 60 32.93 -60.98 -14.21
N ARG A 61 32.32 -62.14 -14.51
CA ARG A 61 32.90 -63.08 -15.49
C ARG A 61 32.16 -62.96 -16.83
N GLN A 62 31.10 -62.15 -16.89
CA GLN A 62 30.32 -61.94 -18.14
C GLN A 62 29.81 -63.29 -18.68
N ILE A 63 29.35 -64.17 -17.80
CA ILE A 63 28.84 -65.50 -18.22
C ILE A 63 27.49 -65.72 -17.55
N ALA A 64 26.67 -66.59 -18.12
CA ALA A 64 25.33 -66.85 -17.54
C ALA A 64 25.36 -68.22 -16.86
N ILE A 65 24.98 -68.28 -15.58
CA ILE A 65 25.08 -69.56 -14.83
C ILE A 65 23.67 -70.11 -14.62
N PRO A 66 23.40 -71.37 -15.01
CA PRO A 66 22.06 -71.95 -14.92
C PRO A 66 21.60 -72.24 -13.49
N THR A 67 20.29 -72.09 -13.25
CA THR A 67 19.75 -72.36 -11.90
C THR A 67 18.33 -72.92 -11.97
N THR A 68 17.98 -73.83 -11.06
CA THR A 68 16.60 -74.36 -10.97
C THR A 68 15.87 -73.56 -9.89
N ASN A 69 16.62 -72.76 -9.12
CA ASN A 69 16.01 -71.90 -8.06
C ASN A 69 15.12 -70.84 -8.71
N LEU A 70 15.58 -70.24 -9.81
CA LEU A 70 14.80 -69.18 -10.50
C LEU A 70 13.75 -69.81 -11.41
N ASN A 71 12.72 -69.05 -11.78
CA ASN A 71 11.62 -69.56 -12.64
C ASN A 71 11.04 -68.39 -13.42
N SER A 72 10.04 -68.64 -14.27
CA SER A 72 9.42 -67.59 -15.11
C SER A 72 8.82 -66.49 -14.24
N GLN A 73 8.21 -66.85 -13.11
CA GLN A 73 7.49 -65.86 -12.27
C GLN A 73 8.36 -65.43 -11.10
N SER A 74 9.67 -65.69 -11.16
CA SER A 74 10.54 -65.39 -9.99
C SER A 74 10.49 -63.90 -9.65
N SER A 75 10.48 -63.61 -8.35
CA SER A 75 10.41 -62.21 -7.85
C SER A 75 11.73 -61.49 -8.06
N LEU A 76 11.69 -60.16 -8.10
CA LEU A 76 12.92 -59.37 -8.37
C LEU A 76 13.93 -59.66 -7.27
N GLU A 77 13.47 -59.81 -6.03
CA GLU A 77 14.39 -59.99 -4.89
C GLU A 77 15.21 -61.25 -5.08
N ASP A 78 14.57 -62.33 -5.53
CA ASP A 78 15.29 -63.62 -5.71
C ASP A 78 16.37 -63.46 -6.78
N ILE A 79 16.05 -62.73 -7.85
CA ILE A 79 17.02 -62.53 -8.97
C ILE A 79 18.23 -61.73 -8.48
N ILE A 80 17.99 -60.68 -7.68
CA ILE A 80 19.11 -59.87 -7.13
C ILE A 80 19.95 -60.78 -6.22
N ASP A 81 19.27 -61.62 -5.43
CA ASP A 81 19.98 -62.55 -4.53
C ASP A 81 20.81 -63.53 -5.37
N GLU A 82 20.23 -64.07 -6.44
CA GLU A 82 20.94 -65.04 -7.32
C GLU A 82 22.14 -64.35 -7.96
N SER A 83 22.00 -63.07 -8.30
CA SER A 83 23.11 -62.38 -8.99
C SER A 83 24.35 -62.40 -8.09
N THR A 84 24.16 -62.17 -6.79
CA THR A 84 25.31 -62.28 -5.84
C THR A 84 25.75 -63.72 -5.66
N SER A 85 24.82 -64.66 -5.54
CA SER A 85 25.13 -66.10 -5.32
C SER A 85 25.83 -66.73 -6.53
N CYS A 86 25.51 -66.32 -7.74
CA CYS A 86 26.03 -66.98 -8.97
C CYS A 86 27.56 -66.95 -9.01
N GLN A 87 28.21 -65.92 -8.51
CA GLN A 87 29.68 -65.83 -8.66
C GLN A 87 30.30 -67.08 -8.02
N SER A 88 29.71 -67.55 -6.92
CA SER A 88 30.18 -68.79 -6.25
C SER A 88 29.97 -70.01 -7.14
N VAL A 89 28.88 -70.07 -7.90
CA VAL A 89 28.54 -71.27 -8.70
C VAL A 89 29.58 -71.54 -9.79
N SER A 90 29.81 -72.82 -10.12
CA SER A 90 30.83 -73.23 -11.10
C SER A 90 30.43 -72.94 -12.54
N THR A 91 31.40 -73.00 -13.46
CA THR A 91 31.18 -72.65 -14.90
C THR A 91 30.32 -73.69 -15.63
N ASP A 92 30.07 -74.86 -15.06
CA ASP A 92 29.33 -75.91 -15.81
C ASP A 92 27.95 -75.41 -16.22
N GLY A 93 27.59 -75.61 -17.49
CA GLY A 93 26.28 -75.17 -18.02
C GLY A 93 26.30 -73.71 -18.44
N SER A 94 27.44 -73.04 -18.30
CA SER A 94 27.49 -71.59 -18.59
C SER A 94 27.29 -71.32 -20.08
N ILE A 95 26.61 -70.22 -20.39
CA ILE A 95 26.46 -69.81 -21.81
C ILE A 95 27.12 -68.44 -21.89
N GLU A 96 27.66 -68.06 -23.05
CA GLU A 96 28.21 -66.70 -23.20
C GLU A 96 27.26 -65.89 -24.08
N ILE A 97 26.81 -64.74 -23.58
CA ILE A 97 25.89 -63.87 -24.36
C ILE A 97 26.76 -63.01 -25.29
N ASP A 98 26.36 -62.90 -26.55
CA ASP A 98 27.17 -62.13 -27.53
C ASP A 98 26.58 -60.72 -27.61
N GLY A 99 27.36 -59.71 -27.23
CA GLY A 99 26.92 -58.31 -27.31
C GLY A 99 26.22 -57.82 -26.05
N LEU A 100 26.10 -58.68 -25.05
CA LEU A 100 25.51 -58.21 -23.76
C LEU A 100 26.62 -57.66 -22.87
N THR A 101 26.63 -56.34 -22.65
CA THR A 101 27.62 -55.71 -21.75
C THR A 101 26.84 -54.92 -20.70
N LEU A 102 27.12 -55.14 -19.41
CA LEU A 102 26.48 -54.33 -18.36
C LEU A 102 27.56 -53.53 -17.64
N ILE A 103 27.40 -52.21 -17.58
CA ILE A 103 28.41 -51.37 -16.88
C ILE A 103 27.77 -50.87 -15.59
N HIS A 104 28.36 -51.22 -14.45
CA HIS A 104 27.86 -50.75 -13.15
C HIS A 104 28.43 -49.37 -12.89
N ASN A 105 27.66 -48.50 -12.24
CA ASN A 105 28.14 -47.14 -11.88
C ASN A 105 28.60 -46.41 -13.14
N PHE A 106 27.85 -46.54 -14.24
CA PHE A 106 28.17 -45.79 -15.47
C PHE A 106 27.99 -44.30 -15.23
N LEU A 107 26.92 -43.93 -14.53
CA LEU A 107 26.62 -42.49 -14.34
C LEU A 107 26.82 -42.12 -12.87
N SER A 108 27.50 -41.00 -12.61
CA SER A 108 27.65 -40.50 -11.22
C SER A 108 26.31 -39.91 -10.80
N GLU A 109 26.10 -39.73 -9.49
CA GLU A 109 24.84 -39.15 -8.99
C GLU A 109 24.69 -37.73 -9.54
N SER A 110 25.78 -36.98 -9.62
CA SER A 110 25.74 -35.62 -10.19
C SER A 110 25.30 -35.69 -11.64
N GLU A 111 25.88 -36.61 -12.42
CA GLU A 111 25.57 -36.73 -13.87
C GLU A 111 24.10 -37.12 -14.03
N GLU A 112 23.65 -38.06 -13.20
CA GLU A 112 22.24 -38.52 -13.28
C GLU A 112 21.32 -37.36 -12.97
N SER A 113 21.66 -36.56 -11.96
CA SER A 113 20.77 -35.45 -11.53
C SER A 113 20.61 -34.43 -12.64
N LYS A 114 21.70 -34.09 -13.32
CA LYS A 114 21.63 -33.07 -14.39
C LYS A 114 20.75 -33.60 -15.52
N ILE A 115 20.95 -34.85 -15.89
CA ILE A 115 20.14 -35.47 -16.99
C ILE A 115 18.69 -35.54 -16.53
N LEU A 116 18.44 -35.94 -15.29
CA LEU A 116 17.04 -36.11 -14.81
C LEU A 116 16.32 -34.77 -14.75
N ASN A 117 17.00 -33.69 -14.37
CA ASN A 117 16.36 -32.35 -14.37
C ASN A 117 15.96 -31.98 -15.80
N MET A 118 16.84 -32.25 -16.77
CA MET A 118 16.54 -31.96 -18.19
C MET A 118 15.37 -32.82 -18.67
N ILE A 119 15.37 -34.10 -18.30
CA ILE A 119 14.29 -35.05 -18.74
C ILE A 119 12.94 -34.62 -18.17
N ASP A 120 12.89 -34.32 -16.87
CA ASP A 120 11.61 -33.96 -16.22
C ASP A 120 11.16 -32.56 -16.65
N THR A 121 12.08 -31.70 -17.04
CA THR A 121 11.72 -30.37 -17.60
C THR A 121 10.96 -30.57 -18.92
N VAL A 122 11.39 -31.52 -19.75
CA VAL A 122 10.72 -31.80 -21.05
C VAL A 122 9.41 -32.54 -20.79
N LYS A 123 8.44 -32.38 -21.68
CA LYS A 123 7.09 -32.96 -21.47
C LYS A 123 7.13 -34.47 -21.65
N TRP A 124 6.22 -35.18 -20.98
CA TRP A 124 6.16 -36.66 -21.08
C TRP A 124 4.96 -37.05 -21.94
N ALA A 125 5.12 -38.08 -22.77
CA ALA A 125 4.04 -38.44 -23.73
C ALA A 125 3.50 -39.83 -23.39
N LYS A 126 2.20 -40.03 -23.61
CA LYS A 126 1.55 -41.34 -23.30
C LYS A 126 2.09 -42.45 -24.19
N SER A 127 2.25 -43.64 -23.63
CA SER A 127 2.71 -44.82 -24.42
C SER A 127 1.89 -46.04 -24.00
N LYS A 128 1.93 -47.09 -24.80
CA LYS A 128 1.19 -48.34 -24.48
C LYS A 128 1.90 -49.10 -23.36
N SER A 129 1.20 -50.01 -22.70
CA SER A 129 1.80 -50.89 -21.65
C SER A 129 2.08 -50.13 -20.34
N GLY A 130 1.42 -48.99 -20.15
CA GLY A 130 1.56 -48.25 -18.88
C GLY A 130 2.82 -47.41 -18.89
N ARG A 131 3.55 -47.45 -19.99
CA ARG A 131 4.82 -46.70 -20.09
C ARG A 131 4.54 -45.26 -20.53
N ARG A 132 5.52 -44.38 -20.38
CA ARG A 132 5.40 -43.00 -20.90
C ARG A 132 6.68 -42.76 -21.68
N LYS A 133 6.65 -41.95 -22.74
CA LYS A 133 7.86 -41.84 -23.58
C LYS A 133 8.25 -40.41 -23.93
N GLN A 134 9.54 -40.15 -24.05
CA GLN A 134 10.03 -38.84 -24.55
C GLN A 134 10.92 -39.26 -25.71
N ASP A 135 10.66 -38.80 -26.93
CA ASP A 135 11.42 -39.34 -28.09
C ASP A 135 12.25 -38.28 -28.80
N TYR A 136 13.46 -38.64 -29.16
CA TYR A 136 14.32 -37.71 -29.93
C TYR A 136 14.79 -38.54 -31.13
N GLY A 137 13.88 -38.83 -32.05
CA GLY A 137 14.21 -39.68 -33.20
C GLY A 137 13.19 -39.51 -34.31
N PRO A 138 13.41 -40.11 -35.50
CA PRO A 138 12.44 -40.02 -36.58
C PRO A 138 11.15 -40.81 -36.34
N LYS A 139 10.03 -40.35 -36.92
CA LYS A 139 8.76 -41.12 -36.81
C LYS A 139 8.74 -42.12 -37.96
N VAL A 140 8.66 -43.41 -37.67
CA VAL A 140 8.81 -44.42 -38.76
C VAL A 140 7.61 -45.35 -38.85
N ASN A 141 7.12 -45.62 -40.07
CA ASN A 141 6.07 -46.66 -40.23
C ASN A 141 6.87 -47.90 -40.59
N PHE A 142 7.06 -48.79 -39.62
CA PHE A 142 7.91 -49.98 -39.85
C PHE A 142 7.29 -50.86 -40.92
N LYS A 143 5.96 -50.96 -40.91
CA LYS A 143 5.26 -51.82 -41.89
C LYS A 143 5.53 -51.33 -43.30
N HIS A 144 5.46 -50.03 -43.54
CA HIS A 144 5.57 -49.52 -44.94
C HIS A 144 6.97 -48.97 -45.22
N LYS A 145 7.90 -49.10 -44.27
CA LYS A 145 9.28 -48.58 -44.45
C LYS A 145 9.28 -47.10 -44.80
N LYS A 146 8.46 -46.30 -44.12
CA LYS A 146 8.35 -44.85 -44.42
C LYS A 146 8.83 -44.03 -43.22
N VAL A 147 9.74 -43.07 -43.43
CA VAL A 147 10.33 -42.28 -42.32
C VAL A 147 9.99 -40.80 -42.52
N LYS A 148 9.57 -40.11 -41.46
CA LYS A 148 9.30 -38.65 -41.54
C LYS A 148 10.25 -37.94 -40.57
N THR A 149 11.02 -36.97 -41.06
CA THR A 149 12.03 -36.28 -40.22
C THR A 149 11.52 -34.91 -39.79
N ASP A 150 10.25 -34.62 -40.07
CA ASP A 150 9.69 -33.29 -39.76
C ASP A 150 9.72 -33.02 -38.25
N THR A 151 9.44 -34.04 -37.43
CA THR A 151 9.35 -33.86 -35.95
C THR A 151 10.73 -33.98 -35.30
N PHE A 152 11.75 -34.39 -36.06
CA PHE A 152 13.09 -34.62 -35.48
C PHE A 152 13.84 -33.29 -35.55
N VAL A 153 14.01 -32.63 -34.40
CA VAL A 153 14.72 -31.32 -34.34
C VAL A 153 16.16 -31.57 -33.91
N GLY A 154 16.42 -32.72 -33.30
CA GLY A 154 17.80 -33.05 -32.90
C GLY A 154 17.87 -33.93 -31.69
N MET A 155 19.09 -34.28 -31.27
CA MET A 155 19.32 -35.13 -30.09
C MET A 155 19.31 -34.25 -28.83
N PRO A 156 19.05 -34.80 -27.64
CA PRO A 156 19.09 -34.02 -26.42
C PRO A 156 20.52 -33.62 -26.03
N GLU A 157 20.68 -32.57 -25.22
CA GLU A 157 22.02 -32.04 -24.87
C GLU A 157 22.86 -33.07 -24.13
N TYR A 158 22.25 -33.89 -23.26
CA TYR A 158 23.00 -34.86 -22.44
C TYR A 158 23.66 -35.92 -23.32
N ALA A 159 23.20 -36.09 -24.55
CA ALA A 159 23.73 -37.16 -25.43
C ALA A 159 25.22 -36.96 -25.61
N ASP A 160 25.65 -35.71 -25.74
CA ASP A 160 27.08 -35.48 -26.02
C ASP A 160 27.90 -36.03 -24.86
N MET A 161 27.48 -35.75 -23.62
CA MET A 161 28.20 -36.27 -22.44
C MET A 161 28.12 -37.80 -22.39
N LEU A 162 26.94 -38.36 -22.61
CA LEU A 162 26.75 -39.83 -22.50
C LEU A 162 27.62 -40.53 -23.55
N LEU A 163 27.61 -40.02 -24.78
CA LEU A 163 28.33 -40.69 -25.88
C LEU A 163 29.84 -40.66 -25.62
N ASN A 164 30.36 -39.54 -25.12
CA ASN A 164 31.81 -39.43 -24.85
C ASN A 164 32.21 -40.44 -23.79
N LYS A 165 31.39 -40.60 -22.76
CA LYS A 165 31.68 -41.57 -21.68
C LYS A 165 31.70 -42.97 -22.28
N MET A 166 30.76 -43.28 -23.18
CA MET A 166 30.68 -44.63 -23.76
C MET A 166 31.97 -44.92 -24.52
N SER A 167 32.46 -43.94 -25.28
CA SER A 167 33.72 -44.10 -26.05
C SER A 167 34.91 -44.28 -25.09
N GLU A 168 34.91 -43.55 -23.99
CA GLU A 168 36.01 -43.65 -23.00
C GLU A 168 36.05 -45.04 -22.38
N TYR A 169 34.91 -45.65 -22.07
CA TYR A 169 34.96 -47.04 -21.55
C TYR A 169 35.41 -48.00 -22.65
N ASP A 170 34.79 -47.92 -23.83
CA ASP A 170 35.12 -48.88 -24.91
C ASP A 170 34.79 -48.29 -26.29
N VAL A 171 35.82 -47.84 -27.01
CA VAL A 171 35.61 -47.29 -28.37
C VAL A 171 35.10 -48.41 -29.28
N LYS A 172 35.64 -49.61 -29.12
CA LYS A 172 35.17 -50.75 -29.94
C LYS A 172 33.74 -51.15 -29.60
N LYS A 173 33.45 -51.33 -28.31
CA LYS A 173 32.10 -51.81 -27.88
C LYS A 173 31.03 -50.74 -28.01
N LEU A 174 31.29 -49.51 -27.55
CA LEU A 174 30.22 -48.47 -27.52
C LEU A 174 30.64 -47.19 -28.24
N GLY A 175 31.84 -47.15 -28.82
CA GLY A 175 32.32 -45.97 -29.56
C GLY A 175 31.80 -45.94 -30.97
N ASN A 176 32.06 -44.84 -31.69
CA ASN A 176 31.61 -44.73 -33.10
C ASN A 176 30.09 -44.93 -33.13
N TYR A 177 29.38 -44.26 -32.24
CA TYR A 177 27.90 -44.37 -32.17
C TYR A 177 27.28 -43.11 -32.78
N GLN A 178 26.44 -43.29 -33.81
CA GLN A 178 25.70 -42.15 -34.36
C GLN A 178 24.27 -42.32 -33.91
N PRO A 179 23.73 -41.39 -33.10
CA PRO A 179 22.38 -41.56 -32.59
C PRO A 179 21.28 -41.35 -33.63
N PHE A 180 20.31 -42.26 -33.69
CA PHE A 180 19.14 -42.04 -34.59
C PHE A 180 17.91 -41.78 -33.76
N GLU A 181 17.66 -42.63 -32.75
CA GLU A 181 16.53 -42.39 -31.83
C GLU A 181 17.00 -42.51 -30.39
N MET A 182 16.81 -41.46 -29.60
CA MET A 182 17.10 -41.58 -28.16
C MET A 182 15.74 -41.42 -27.49
N CYS A 183 15.22 -42.48 -26.89
CA CYS A 183 13.87 -42.43 -26.29
C CYS A 183 13.98 -42.67 -24.79
N ASN A 184 13.44 -41.77 -23.98
CA ASN A 184 13.43 -41.99 -22.53
C ASN A 184 12.08 -42.62 -22.19
N LEU A 185 12.08 -43.77 -21.52
CA LEU A 185 10.81 -44.49 -21.23
C LEU A 185 10.61 -44.55 -19.71
N GLU A 186 9.41 -44.24 -19.23
CA GLU A 186 9.18 -44.18 -17.76
C GLU A 186 8.26 -45.33 -17.33
N TYR A 187 8.70 -46.10 -16.34
CA TYR A 187 7.90 -47.23 -15.83
C TYR A 187 7.58 -46.94 -14.37
N GLU A 188 6.30 -47.02 -14.00
CA GLU A 188 5.88 -46.82 -12.59
C GLU A 188 5.17 -48.09 -12.11
N GLU A 189 5.55 -48.61 -10.95
CA GLU A 189 4.97 -49.88 -10.43
C GLU A 189 3.48 -49.71 -10.22
N VAL A 190 3.05 -48.52 -9.78
CA VAL A 190 1.61 -48.26 -9.51
C VAL A 190 0.84 -48.43 -10.83
N LYS A 191 1.41 -48.00 -11.94
CA LYS A 191 0.77 -48.15 -13.28
C LYS A 191 1.11 -49.54 -13.84
N LYS A 192 1.90 -50.31 -13.10
CA LYS A 192 2.29 -51.68 -13.53
C LYS A 192 2.95 -51.60 -14.90
N SER A 193 3.78 -50.58 -15.11
CA SER A 193 4.38 -50.38 -16.45
C SER A 193 5.29 -51.53 -16.79
N ALA A 194 5.27 -51.94 -18.06
CA ALA A 194 6.17 -53.04 -18.50
C ALA A 194 6.38 -52.97 -20.01
N ILE A 195 7.40 -53.64 -20.52
CA ILE A 195 7.59 -53.73 -21.99
C ILE A 195 7.46 -55.22 -22.35
N GLU A 196 6.59 -55.56 -23.29
CA GLU A 196 6.35 -56.98 -23.61
C GLU A 196 7.59 -57.56 -24.30
N MET A 197 7.78 -58.87 -24.19
CA MET A 197 9.01 -59.47 -24.74
C MET A 197 9.04 -59.23 -26.25
N HIS A 198 10.16 -58.74 -26.77
CA HIS A 198 10.23 -58.39 -28.21
C HIS A 198 11.66 -58.14 -28.67
N GLN A 199 11.89 -58.13 -29.99
CA GLN A 199 13.21 -57.77 -30.54
C GLN A 199 12.97 -56.48 -31.31
N ASP A 200 13.79 -55.45 -31.10
CA ASP A 200 13.52 -54.12 -31.72
C ASP A 200 13.75 -54.19 -33.23
N ASP A 201 13.13 -53.27 -33.98
CA ASP A 201 13.22 -53.31 -35.46
C ASP A 201 14.68 -53.22 -35.88
N MET A 202 15.08 -54.02 -36.88
CA MET A 202 16.47 -54.02 -37.37
C MET A 202 16.59 -53.22 -38.66
N TRP A 203 15.46 -52.76 -39.23
CA TRP A 203 15.51 -52.02 -40.52
C TRP A 203 16.17 -50.66 -40.37
N ILE A 204 15.79 -49.87 -39.36
CA ILE A 204 16.33 -48.50 -39.23
C ILE A 204 17.20 -48.43 -37.98
N TRP A 205 16.94 -49.31 -37.03
CA TRP A 205 17.73 -49.34 -35.78
C TRP A 205 18.96 -50.25 -35.96
N GLY A 206 20.09 -49.88 -35.38
CA GLY A 206 21.34 -50.61 -35.60
C GLY A 206 21.58 -51.76 -34.64
N ASN A 207 22.76 -52.36 -34.72
CA ASN A 207 23.11 -53.54 -33.89
C ASN A 207 23.12 -53.22 -32.41
N ARG A 208 23.66 -52.05 -32.02
CA ARG A 208 23.81 -51.78 -30.56
C ARG A 208 22.59 -51.06 -30.00
N LEU A 209 21.99 -51.62 -28.95
CA LEU A 209 20.85 -50.98 -28.28
C LEU A 209 21.33 -50.61 -26.87
N ILE A 210 21.18 -49.35 -26.46
CA ILE A 210 21.72 -48.91 -25.14
C ILE A 210 20.56 -48.47 -24.23
N SER A 211 20.47 -49.04 -23.02
CA SER A 211 19.46 -48.57 -22.04
C SER A 211 20.20 -48.23 -20.74
N ILE A 212 19.99 -47.03 -20.21
CA ILE A 212 20.60 -46.66 -18.91
C ILE A 212 19.47 -46.51 -17.89
N ASN A 213 19.54 -47.28 -16.79
CA ASN A 213 18.48 -47.24 -15.76
C ASN A 213 18.72 -45.98 -14.92
N LEU A 214 17.70 -45.15 -14.73
CA LEU A 214 17.94 -43.85 -14.09
C LEU A 214 17.43 -43.77 -12.65
N ILE A 215 16.15 -43.58 -12.42
CA ILE A 215 15.71 -43.37 -11.01
C ILE A 215 16.00 -44.63 -10.19
N ASN A 216 15.83 -45.80 -10.79
CA ASN A 216 16.01 -47.07 -10.06
C ASN A 216 16.33 -48.17 -11.09
N GLY A 217 16.80 -49.32 -10.63
CA GLY A 217 17.17 -50.42 -11.54
C GLY A 217 16.05 -51.42 -11.77
N SER A 218 16.29 -52.41 -12.62
CA SER A 218 15.27 -53.45 -12.93
C SER A 218 15.97 -54.71 -13.42
N VAL A 219 15.21 -55.76 -13.72
CA VAL A 219 15.80 -57.01 -14.27
C VAL A 219 15.36 -57.15 -15.73
N MET A 220 16.32 -57.29 -16.65
CA MET A 220 15.97 -57.53 -18.07
C MET A 220 15.74 -59.03 -18.25
N THR A 221 14.61 -59.40 -18.87
CA THR A 221 14.35 -60.83 -19.16
C THR A 221 14.68 -61.05 -20.64
N LEU A 222 15.59 -61.98 -20.92
CA LEU A 222 16.02 -62.28 -22.31
C LEU A 222 15.63 -63.72 -22.62
N SER A 223 14.98 -63.96 -23.76
CA SER A 223 14.51 -65.32 -24.09
C SER A 223 15.02 -65.80 -25.45
N ASN A 224 15.73 -66.92 -25.51
CA ASN A 224 16.10 -67.51 -26.82
C ASN A 224 15.10 -68.65 -27.01
N ASP A 225 14.03 -68.41 -27.76
CA ASP A 225 12.96 -69.43 -27.86
C ASP A 225 13.47 -70.70 -28.54
N ASN A 226 14.30 -70.57 -29.56
CA ASN A 226 14.72 -71.79 -30.30
C ASN A 226 15.50 -72.73 -29.39
N LYS A 227 16.44 -72.21 -28.60
CA LYS A 227 17.30 -73.09 -27.76
C LYS A 227 16.63 -73.31 -26.40
N SER A 228 15.46 -72.73 -26.20
CA SER A 228 14.72 -72.92 -24.93
C SER A 228 15.56 -72.45 -23.75
N PHE A 229 16.20 -71.29 -23.87
CA PHE A 229 17.05 -70.73 -22.78
C PHE A 229 16.50 -69.38 -22.34
N LEU A 230 16.34 -69.14 -21.02
CA LEU A 230 15.88 -67.83 -20.49
C LEU A 230 16.92 -67.28 -19.52
N CYS A 231 17.30 -66.01 -19.67
CA CYS A 231 18.33 -65.40 -18.79
C CYS A 231 17.78 -64.15 -18.12
N TYR A 232 18.08 -63.96 -16.84
CA TYR A 232 17.68 -62.73 -16.13
C TYR A 232 18.94 -61.91 -15.94
N VAL A 233 18.92 -60.67 -16.41
CA VAL A 233 20.10 -59.77 -16.21
C VAL A 233 19.68 -58.69 -15.22
N HIS A 234 20.36 -58.60 -14.09
CA HIS A 234 19.91 -57.60 -13.10
C HIS A 234 20.59 -56.29 -13.45
N MET A 235 19.80 -55.27 -13.76
CA MET A 235 20.36 -53.96 -14.11
C MET A 235 20.22 -53.08 -12.89
N PRO A 236 21.33 -52.70 -12.25
CA PRO A 236 21.29 -51.84 -11.09
C PRO A 236 21.05 -50.38 -11.44
N HIS A 237 20.87 -49.54 -10.43
CA HIS A 237 20.71 -48.09 -10.63
C HIS A 237 21.99 -47.55 -11.28
N ARG A 238 21.87 -46.60 -12.20
CA ARG A 238 23.04 -46.01 -12.90
C ARG A 238 23.81 -47.07 -13.67
N SER A 239 23.09 -47.99 -14.31
CA SER A 239 23.74 -49.08 -15.08
C SER A 239 23.46 -48.89 -16.58
N LEU A 240 24.46 -49.18 -17.42
CA LEU A 240 24.26 -49.14 -18.89
C LEU A 240 24.19 -50.58 -19.37
N LEU A 241 23.15 -50.93 -20.10
CA LEU A 241 23.11 -52.28 -20.70
C LEU A 241 23.17 -52.14 -22.21
N CYS A 242 24.13 -52.81 -22.86
CA CYS A 242 24.15 -52.82 -24.34
C CYS A 242 23.65 -54.18 -24.77
N MET A 243 22.60 -54.21 -25.58
CA MET A 243 22.14 -55.49 -26.15
C MET A 243 22.50 -55.43 -27.62
N ALA A 244 23.20 -56.44 -28.12
CA ALA A 244 23.70 -56.41 -29.50
C ALA A 244 23.90 -57.84 -29.98
N ASP A 245 24.29 -58.04 -31.23
CA ASP A 245 24.62 -59.39 -31.77
C ASP A 245 23.53 -60.39 -31.38
N GLU A 246 23.90 -61.42 -30.61
CA GLU A 246 22.92 -62.50 -30.28
C GLU A 246 21.73 -61.94 -29.53
N CYS A 247 21.96 -61.07 -28.55
CA CYS A 247 20.83 -60.54 -27.72
C CYS A 247 19.90 -59.73 -28.61
N ARG A 248 20.46 -58.98 -29.55
CA ARG A 248 19.63 -58.14 -30.45
C ARG A 248 18.75 -58.98 -31.36
N TYR A 249 19.31 -60.05 -31.96
CA TYR A 249 18.53 -60.81 -32.96
C TYR A 249 18.12 -62.19 -32.43
N ASP A 250 19.10 -63.01 -32.02
CA ASP A 250 18.79 -64.39 -31.60
C ASP A 250 17.91 -64.37 -30.35
N TRP A 251 18.23 -63.49 -29.39
CA TRP A 251 17.47 -63.39 -28.13
C TRP A 251 16.44 -62.26 -28.25
N LYS A 252 15.49 -62.22 -27.33
CA LYS A 252 14.46 -61.16 -27.34
C LYS A 252 14.56 -60.40 -26.03
N HIS A 253 14.30 -59.09 -26.03
CA HIS A 253 14.51 -58.26 -24.82
C HIS A 253 13.16 -57.89 -24.19
N GLY A 254 13.06 -57.96 -22.87
CA GLY A 254 11.82 -57.52 -22.21
C GLY A 254 12.05 -57.13 -20.76
N VAL A 255 11.18 -56.30 -20.19
CA VAL A 255 11.25 -55.98 -18.74
C VAL A 255 9.87 -56.28 -18.18
N LEU A 256 9.81 -57.11 -17.15
CA LEU A 256 8.50 -57.53 -16.61
C LEU A 256 7.95 -56.51 -15.61
N ALA A 257 6.63 -56.49 -15.41
CA ALA A 257 5.99 -55.51 -14.51
C ALA A 257 6.46 -55.69 -13.07
N HIS A 258 6.59 -56.94 -12.60
CA HIS A 258 6.94 -57.20 -11.19
C HIS A 258 8.42 -56.90 -10.93
N HIS A 259 9.20 -56.73 -11.98
CA HIS A 259 10.64 -56.40 -11.82
C HIS A 259 10.80 -54.89 -11.68
N ILE A 260 9.69 -54.15 -11.82
CA ILE A 260 9.75 -52.67 -11.73
C ILE A 260 9.37 -52.28 -10.31
N ARG A 261 10.25 -51.54 -9.63
CA ARG A 261 9.97 -51.07 -8.26
C ARG A 261 10.02 -49.53 -8.27
N GLY A 262 9.02 -48.88 -7.67
CA GLY A 262 8.95 -47.40 -7.70
C GLY A 262 8.84 -46.84 -9.10
N ARG A 263 9.63 -45.82 -9.42
CA ARG A 263 9.62 -45.22 -10.77
C ARG A 263 11.00 -45.42 -11.38
N ARG A 264 11.05 -45.90 -12.62
CA ARG A 264 12.34 -46.08 -13.31
C ARG A 264 12.26 -45.36 -14.64
N ILE A 265 13.34 -44.71 -15.06
CA ILE A 265 13.37 -44.12 -16.42
C ILE A 265 14.49 -44.83 -17.16
N ALA A 266 14.23 -45.31 -18.38
CA ALA A 266 15.29 -45.94 -19.18
C ALA A 266 15.69 -45.00 -20.30
N LEU A 267 16.96 -44.62 -20.34
CA LEU A 267 17.44 -43.71 -21.41
C LEU A 267 17.85 -44.58 -22.59
N THR A 268 16.89 -44.97 -23.42
CA THR A 268 17.17 -45.85 -24.57
C THR A 268 17.90 -45.05 -25.66
N MET A 269 18.93 -45.64 -26.26
CA MET A 269 19.64 -44.98 -27.38
C MET A 269 19.71 -46.00 -28.53
N ARG A 270 19.59 -45.53 -29.77
CA ARG A 270 19.58 -46.43 -30.95
C ARG A 270 20.59 -45.86 -31.96
N GLU A 271 21.04 -46.70 -32.90
CA GLU A 271 22.09 -46.26 -33.86
C GLU A 271 21.64 -46.50 -35.30
N ALA A 272 22.34 -45.87 -36.23
CA ALA A 272 21.97 -45.97 -37.66
C ALA A 272 22.13 -47.40 -38.16
N ALA A 273 21.13 -47.88 -38.91
CA ALA A 273 21.26 -49.20 -39.52
C ALA A 273 22.29 -49.06 -40.64
N LYS A 274 22.89 -50.16 -41.07
CA LYS A 274 23.97 -50.06 -42.08
C LYS A 274 23.41 -49.46 -43.37
N ASP A 275 22.16 -49.79 -43.72
CA ASP A 275 21.52 -49.26 -44.94
C ASP A 275 21.31 -47.74 -44.85
N PHE A 276 20.91 -47.23 -43.70
CA PHE A 276 20.68 -45.77 -43.54
C PHE A 276 22.02 -45.02 -43.49
N ALA A 277 23.09 -45.72 -43.13
CA ALA A 277 24.44 -45.12 -43.04
C ALA A 277 25.07 -45.01 -44.42
N GLU A 278 26.24 -44.38 -44.49
CA GLU A 278 26.90 -44.16 -45.80
C GLU A 278 27.15 -45.53 -46.44
N GLY A 279 26.96 -45.62 -47.76
CA GLY A 279 27.12 -46.90 -48.46
C GLY A 279 25.84 -47.70 -48.46
N GLY A 280 24.71 -47.05 -48.20
CA GLY A 280 23.44 -47.79 -48.09
C GLY A 280 22.37 -47.23 -48.98
N GLU A 281 21.35 -48.04 -49.28
CA GLU A 281 20.30 -47.62 -50.23
C GLU A 281 19.55 -46.39 -49.71
N LEU A 282 19.22 -46.36 -48.42
CA LEU A 282 18.35 -45.28 -47.89
C LEU A 282 19.14 -44.07 -47.38
N TYR A 283 20.47 -44.06 -47.55
CA TYR A 283 21.27 -42.95 -46.99
C TYR A 283 20.90 -41.63 -47.63
N GLU A 284 20.82 -41.59 -48.95
CA GLU A 284 20.54 -40.31 -49.64
C GLU A 284 19.11 -39.84 -49.36
N LYS A 285 18.14 -40.74 -49.47
CA LYS A 285 16.71 -40.36 -49.29
C LYS A 285 16.42 -39.95 -47.85
N TYR A 286 16.90 -40.72 -46.87
CA TYR A 286 16.56 -40.44 -45.46
C TYR A 286 17.77 -40.37 -44.53
N GLY A 287 18.76 -41.23 -44.71
CA GLY A 287 19.87 -41.34 -43.74
C GLY A 287 20.71 -40.10 -43.55
N ALA A 288 21.03 -39.39 -44.62
CA ALA A 288 21.96 -38.24 -44.50
C ALA A 288 21.34 -37.19 -43.60
N GLU A 289 20.05 -36.91 -43.79
CA GLU A 289 19.35 -35.91 -42.96
C GLU A 289 19.30 -36.42 -41.52
N LEU A 290 19.03 -37.70 -41.34
CA LEU A 290 18.91 -38.27 -39.97
C LEU A 290 20.24 -38.12 -39.25
N ILE A 291 21.35 -38.32 -39.97
CA ILE A 291 22.69 -38.15 -39.37
C ILE A 291 22.91 -36.70 -38.94
N ARG A 292 22.56 -35.74 -39.81
CA ARG A 292 22.73 -34.30 -39.48
C ARG A 292 21.81 -33.91 -38.33
N LEU A 293 20.56 -34.35 -38.38
CA LEU A 293 19.58 -34.00 -37.32
C LEU A 293 20.05 -34.62 -36.00
N GLY A 294 20.57 -35.84 -36.04
CA GLY A 294 21.11 -36.51 -34.84
C GLY A 294 22.30 -35.76 -34.29
N ASN A 295 23.12 -35.18 -35.17
CA ASN A 295 24.26 -34.34 -34.73
C ASN A 295 23.75 -33.12 -33.96
N ILE A 296 22.60 -32.56 -34.36
CA ILE A 296 22.05 -31.33 -33.70
C ILE A 296 21.73 -31.67 -32.25
N ARG A 297 21.97 -30.73 -31.33
CA ARG A 297 21.68 -30.95 -29.90
C ARG A 297 20.65 -29.92 -29.40
N VAL A 298 19.54 -30.39 -28.84
CA VAL A 298 18.47 -29.48 -28.33
C VAL A 298 18.94 -28.93 -26.98
N PRO A 299 18.85 -27.61 -26.73
CA PRO A 299 19.20 -27.07 -25.43
C PRO A 299 18.07 -27.33 -24.42
N LEU A 300 18.36 -28.13 -23.38
CA LEU A 300 17.31 -28.49 -22.38
C LEU A 300 17.70 -28.02 -20.98
N SER A 301 18.88 -27.41 -20.83
CA SER A 301 19.35 -27.02 -19.47
C SER A 301 19.31 -25.51 -19.30
N LYS A 302 18.78 -25.04 -18.17
CA LYS A 302 18.76 -23.59 -17.90
C LYS A 302 20.11 -23.20 -17.30
N THR A 303 20.77 -22.19 -17.87
CA THR A 303 22.12 -21.80 -17.40
C THR A 303 22.08 -20.35 -16.92
N LYS B 48 -12.75 -13.25 -12.39
CA LYS B 48 -13.38 -12.55 -11.28
C LYS B 48 -12.43 -11.53 -10.67
N HIS B 49 -11.13 -11.78 -10.80
CA HIS B 49 -10.10 -10.89 -10.30
C HIS B 49 -9.72 -9.81 -11.30
N VAL B 50 -10.55 -9.59 -12.33
CA VAL B 50 -10.22 -8.59 -13.34
C VAL B 50 -10.24 -7.18 -12.74
N ASN B 51 -11.06 -6.97 -11.72
CA ASN B 51 -11.15 -5.68 -11.07
C ASN B 51 -10.25 -5.56 -9.83
N TYR B 52 -9.55 -6.62 -9.46
CA TYR B 52 -8.67 -6.57 -8.31
C TYR B 52 -7.33 -5.95 -8.67
N LYS B 53 -6.73 -5.25 -7.72
CA LYS B 53 -5.40 -4.70 -7.88
C LYS B 53 -4.38 -5.82 -7.92
N VAL B 54 -3.29 -5.60 -8.64
CA VAL B 54 -2.29 -6.64 -8.91
C VAL B 54 -0.94 -6.20 -8.39
N PHE B 55 -0.23 -7.13 -7.75
CA PHE B 55 1.06 -6.88 -7.14
C PHE B 55 2.04 -7.97 -7.56
N ILE B 56 3.32 -7.64 -7.50
CA ILE B 56 4.39 -8.59 -7.74
C ILE B 56 5.35 -8.54 -6.57
N TYR B 57 5.89 -9.70 -6.18
CA TYR B 57 6.74 -9.79 -5.01
C TYR B 57 8.20 -9.50 -5.35
N ASP B 58 8.79 -8.56 -4.61
CA ASP B 58 10.23 -8.32 -4.61
C ASP B 58 10.81 -9.04 -3.41
N HIS B 59 11.57 -10.11 -3.68
CA HIS B 59 12.18 -10.88 -2.61
C HIS B 59 13.35 -10.13 -2.00
N ILE B 60 14.02 -9.30 -2.79
CA ILE B 60 15.16 -8.54 -2.27
C ILE B 60 14.69 -7.56 -1.22
N ARG B 61 13.68 -6.75 -1.55
CA ARG B 61 13.10 -5.82 -0.60
C ARG B 61 11.97 -6.44 0.21
N GLN B 62 11.56 -7.66 -0.13
CA GLN B 62 10.52 -8.39 0.60
C GLN B 62 9.22 -7.59 0.68
N ILE B 63 8.80 -7.02 -0.46
CA ILE B 63 7.58 -6.22 -0.49
C ILE B 63 6.81 -6.52 -1.77
N ALA B 64 5.53 -6.20 -1.77
CA ALA B 64 4.68 -6.37 -2.94
C ALA B 64 4.49 -5.01 -3.61
N ILE B 65 4.94 -4.91 -4.86
CA ILE B 65 4.88 -3.67 -5.63
C ILE B 65 3.68 -3.75 -6.58
N PRO B 66 2.81 -2.75 -6.59
CA PRO B 66 1.72 -2.74 -7.57
C PRO B 66 2.25 -2.63 -8.99
N THR B 67 1.56 -3.29 -9.92
CA THR B 67 1.91 -3.23 -11.33
C THR B 67 0.63 -3.22 -12.16
N THR B 68 0.68 -2.54 -13.30
CA THR B 68 -0.43 -2.55 -14.25
C THR B 68 -0.19 -3.49 -15.41
N ASN B 69 1.05 -3.92 -15.63
CA ASN B 69 1.36 -4.84 -16.71
C ASN B 69 0.73 -6.21 -16.46
N LEU B 70 0.81 -6.70 -15.23
CA LEU B 70 0.26 -8.00 -14.90
C LEU B 70 -1.24 -7.91 -14.71
N ASN B 71 -1.89 -9.07 -14.75
CA ASN B 71 -3.34 -9.13 -14.71
C ASN B 71 -3.75 -10.49 -14.13
N SER B 72 -5.06 -10.71 -14.07
CA SER B 72 -5.59 -11.94 -13.50
C SER B 72 -5.21 -13.15 -14.33
N GLN B 73 -5.10 -12.97 -15.65
CA GLN B 73 -4.70 -14.06 -16.54
C GLN B 73 -3.30 -13.87 -17.08
N SER B 74 -2.46 -13.13 -16.37
CA SER B 74 -1.11 -12.87 -16.84
C SER B 74 -0.29 -14.15 -16.91
N SER B 75 0.60 -14.21 -17.88
CA SER B 75 1.34 -15.44 -18.17
C SER B 75 2.55 -15.59 -17.27
N LEU B 76 3.15 -16.78 -17.31
CA LEU B 76 4.33 -17.07 -16.50
C LEU B 76 5.50 -16.18 -16.86
N GLU B 77 5.78 -16.03 -18.15
CA GLU B 77 6.94 -15.25 -18.57
C GLU B 77 6.80 -13.79 -18.17
N ASP B 78 5.60 -13.23 -18.32
CA ASP B 78 5.35 -11.86 -17.89
C ASP B 78 5.60 -11.72 -16.40
N ILE B 79 5.14 -12.69 -15.61
CA ILE B 79 5.30 -12.60 -14.17
C ILE B 79 6.78 -12.68 -13.78
N ILE B 80 7.53 -13.56 -14.43
CA ILE B 80 8.96 -13.67 -14.13
C ILE B 80 9.70 -12.39 -14.50
N ASP B 81 9.39 -11.84 -15.67
CA ASP B 81 10.05 -10.60 -16.07
C ASP B 81 9.67 -9.46 -15.16
N GLU B 82 8.41 -9.39 -14.72
CA GLU B 82 8.00 -8.35 -13.79
C GLU B 82 8.67 -8.52 -12.44
N SER B 83 8.86 -9.77 -12.00
CA SER B 83 9.59 -10.02 -10.76
C SER B 83 11.02 -9.52 -10.86
N THR B 84 11.64 -9.71 -12.03
CA THR B 84 12.97 -9.17 -12.24
C THR B 84 12.96 -7.65 -12.27
N SER B 85 11.93 -7.06 -12.87
CA SER B 85 11.92 -5.62 -13.10
C SER B 85 11.48 -4.83 -11.87
N CYS B 86 10.81 -5.48 -10.92
CA CYS B 86 10.16 -4.74 -9.84
C CYS B 86 11.16 -4.09 -8.90
N GLN B 87 12.41 -4.55 -8.88
CA GLN B 87 13.39 -3.96 -7.98
C GLN B 87 13.68 -2.51 -8.34
N SER B 88 13.39 -2.13 -9.58
CA SER B 88 13.60 -0.75 -10.00
C SER B 88 12.51 0.17 -9.47
N VAL B 89 11.27 -0.31 -9.45
CA VAL B 89 10.14 0.55 -9.12
C VAL B 89 10.18 0.96 -7.65
N SER B 90 9.79 2.20 -7.39
CA SER B 90 9.78 2.75 -6.05
C SER B 90 8.73 2.07 -5.18
N THR B 91 8.84 2.29 -3.87
CA THR B 91 7.99 1.64 -2.88
C THR B 91 6.68 2.37 -2.64
N ASP B 92 6.43 3.47 -3.34
CA ASP B 92 5.17 4.20 -3.15
C ASP B 92 4.01 3.37 -3.66
N GLY B 93 3.00 3.18 -2.82
CA GLY B 93 1.87 2.35 -3.16
C GLY B 93 2.08 0.87 -2.91
N SER B 94 3.26 0.46 -2.46
CA SER B 94 3.54 -0.95 -2.22
C SER B 94 2.94 -1.39 -0.89
N ILE B 95 2.74 -2.69 -0.75
CA ILE B 95 2.20 -3.27 0.47
C ILE B 95 3.10 -4.42 0.92
N GLU B 96 3.00 -4.76 2.21
CA GLU B 96 3.78 -5.82 2.82
C GLU B 96 2.85 -6.89 3.35
N ILE B 97 3.16 -8.15 3.05
CA ILE B 97 2.35 -9.28 3.59
C ILE B 97 3.23 -9.99 4.62
N ASP B 98 2.89 -9.87 5.89
CA ASP B 98 3.68 -10.50 6.98
C ASP B 98 3.56 -12.02 6.89
N GLY B 99 4.66 -12.73 7.09
CA GLY B 99 4.63 -14.21 7.09
C GLY B 99 4.94 -14.84 5.75
N LEU B 100 5.06 -14.05 4.69
CA LEU B 100 5.47 -14.61 3.39
C LEU B 100 6.99 -14.57 3.32
N THR B 101 7.63 -15.70 3.58
CA THR B 101 9.10 -15.78 3.51
C THR B 101 9.49 -16.59 2.28
N LEU B 102 10.35 -16.04 1.43
CA LEU B 102 10.86 -16.72 0.24
C LEU B 102 12.37 -16.80 0.34
N ILE B 103 12.90 -18.01 0.24
CA ILE B 103 14.33 -18.25 0.25
C ILE B 103 14.73 -18.84 -1.09
N HIS B 104 15.53 -18.11 -1.84
CA HIS B 104 16.11 -18.62 -3.07
C HIS B 104 17.26 -19.56 -2.75
N ASN B 105 17.42 -20.58 -3.59
CA ASN B 105 18.51 -21.55 -3.45
C ASN B 105 18.53 -22.16 -2.05
N PHE B 106 17.34 -22.47 -1.54
CA PHE B 106 17.24 -23.13 -0.24
C PHE B 106 17.96 -24.47 -0.25
N LEU B 107 17.87 -25.19 -1.37
CA LEU B 107 18.47 -26.51 -1.51
C LEU B 107 19.61 -26.46 -2.51
N SER B 108 20.64 -27.26 -2.26
CA SER B 108 21.72 -27.45 -3.22
C SER B 108 21.31 -28.48 -4.26
N GLU B 109 22.21 -28.73 -5.20
CA GLU B 109 21.92 -29.72 -6.24
C GLU B 109 21.90 -31.13 -5.67
N SER B 110 22.90 -31.48 -4.84
CA SER B 110 22.97 -32.82 -4.29
C SER B 110 21.83 -33.09 -3.32
N GLU B 111 21.48 -32.10 -2.51
CA GLU B 111 20.37 -32.26 -1.57
C GLU B 111 19.07 -32.55 -2.31
N GLU B 112 18.78 -31.76 -3.35
CA GLU B 112 17.59 -32.01 -4.14
C GLU B 112 17.67 -33.36 -4.83
N SER B 113 18.86 -33.76 -5.27
CA SER B 113 19.01 -35.06 -5.92
C SER B 113 18.62 -36.19 -4.99
N LYS B 114 19.15 -36.17 -3.77
CA LYS B 114 18.84 -37.23 -2.81
C LYS B 114 17.36 -37.23 -2.46
N ILE B 115 16.81 -36.04 -2.20
CA ILE B 115 15.39 -35.96 -1.86
C ILE B 115 14.53 -36.49 -3.00
N LEU B 116 14.86 -36.12 -4.24
CA LEU B 116 14.08 -36.56 -5.39
C LEU B 116 14.17 -38.06 -5.60
N ASN B 117 15.35 -38.64 -5.41
CA ASN B 117 15.47 -40.08 -5.55
C ASN B 117 14.63 -40.80 -4.52
N MET B 118 14.68 -40.34 -3.26
CA MET B 118 13.82 -40.93 -2.24
C MET B 118 12.35 -40.77 -2.58
N ILE B 119 11.98 -39.60 -3.09
CA ILE B 119 10.55 -39.32 -3.41
C ILE B 119 10.08 -40.22 -4.55
N ASP B 120 10.89 -40.42 -5.58
CA ASP B 120 10.44 -41.18 -6.78
C ASP B 120 10.65 -42.69 -6.60
N THR B 121 11.20 -43.12 -5.48
CA THR B 121 11.32 -44.57 -5.20
C THR B 121 10.07 -44.93 -4.41
N VAL B 122 9.35 -43.92 -3.90
CA VAL B 122 8.08 -44.19 -3.24
C VAL B 122 6.93 -44.00 -4.22
N LYS B 123 5.93 -44.88 -4.12
CA LYS B 123 4.81 -44.85 -5.03
C LYS B 123 4.01 -43.56 -4.90
N TRP B 124 3.56 -43.04 -6.02
CA TRP B 124 2.68 -41.88 -6.04
C TRP B 124 1.22 -42.34 -5.97
N ALA B 125 0.35 -41.42 -5.56
CA ALA B 125 -1.06 -41.71 -5.39
C ALA B 125 -1.89 -40.62 -6.07
N LYS B 126 -3.06 -41.01 -6.53
CA LYS B 126 -3.92 -40.11 -7.29
C LYS B 126 -4.44 -39.00 -6.39
N SER B 127 -4.69 -37.83 -6.99
CA SER B 127 -5.24 -36.70 -6.28
C SER B 127 -6.04 -35.85 -7.26
N LYS B 128 -6.71 -34.83 -6.72
CA LYS B 128 -7.63 -34.03 -7.50
C LYS B 128 -6.90 -32.88 -8.19
N SER B 129 -7.57 -32.30 -9.19
CA SER B 129 -7.08 -31.14 -9.94
C SER B 129 -5.74 -31.44 -10.62
N GLY B 130 -5.58 -32.69 -11.08
CA GLY B 130 -4.41 -33.08 -11.84
C GLY B 130 -3.18 -33.35 -11.01
N ARG B 131 -3.20 -33.07 -9.72
CA ARG B 131 -2.07 -33.33 -8.85
C ARG B 131 -1.92 -34.83 -8.60
N ARG B 132 -0.70 -35.25 -8.27
CA ARG B 132 -0.49 -36.62 -7.84
C ARG B 132 0.35 -36.60 -6.56
N LYS B 133 -0.14 -37.22 -5.50
CA LYS B 133 0.40 -36.94 -4.17
C LYS B 133 1.04 -38.17 -3.53
N GLN B 134 2.07 -37.89 -2.72
CA GLN B 134 2.61 -38.79 -1.72
C GLN B 134 2.31 -38.15 -0.37
N ASP B 135 1.82 -38.94 0.58
CA ASP B 135 1.34 -38.40 1.84
C ASP B 135 2.04 -39.06 3.02
N TYR B 136 2.52 -38.24 3.97
CA TYR B 136 3.02 -38.71 5.24
C TYR B 136 2.32 -37.91 6.34
N GLY B 137 1.21 -38.44 6.83
CA GLY B 137 0.47 -37.77 7.87
C GLY B 137 -0.78 -38.52 8.25
N PRO B 138 -1.52 -38.00 9.23
CA PRO B 138 -2.77 -38.64 9.64
C PRO B 138 -3.84 -38.46 8.58
N LYS B 139 -4.80 -39.37 8.61
CA LYS B 139 -6.00 -39.25 7.79
C LYS B 139 -7.04 -38.46 8.58
N VAL B 140 -7.42 -37.29 8.08
CA VAL B 140 -8.20 -36.34 8.86
C VAL B 140 -9.46 -35.97 8.10
N ASN B 141 -10.59 -36.08 8.77
CA ASN B 141 -11.87 -35.56 8.30
C ASN B 141 -12.06 -34.20 8.95
N PHE B 142 -11.85 -33.14 8.16
CA PHE B 142 -11.95 -31.79 8.67
C PHE B 142 -13.38 -31.43 9.06
N LYS B 143 -14.35 -31.85 8.24
CA LYS B 143 -15.73 -31.47 8.48
C LYS B 143 -16.25 -32.04 9.78
N HIS B 144 -15.96 -33.30 10.06
CA HIS B 144 -16.39 -33.95 11.29
C HIS B 144 -15.30 -33.99 12.36
N LYS B 145 -14.14 -33.40 12.10
CA LYS B 145 -13.06 -33.29 13.07
C LYS B 145 -12.67 -34.66 13.62
N LYS B 146 -12.23 -35.53 12.71
CA LYS B 146 -11.80 -36.88 13.08
C LYS B 146 -10.37 -37.11 12.60
N VAL B 147 -9.58 -37.80 13.41
CA VAL B 147 -8.18 -38.07 13.12
C VAL B 147 -7.92 -39.55 13.26
N LYS B 148 -7.30 -40.15 12.24
CA LYS B 148 -6.94 -41.56 12.25
C LYS B 148 -5.46 -41.72 11.92
N THR B 149 -4.77 -42.55 12.71
CA THR B 149 -3.34 -42.77 12.56
C THR B 149 -3.02 -44.16 12.02
N ASP B 150 -3.94 -44.77 11.28
CA ASP B 150 -3.69 -46.10 10.75
C ASP B 150 -2.55 -46.08 9.73
N THR B 151 -2.54 -45.09 8.85
CA THR B 151 -1.54 -45.00 7.79
C THR B 151 -0.34 -44.14 8.15
N PHE B 152 -0.39 -43.46 9.30
CA PHE B 152 0.72 -42.60 9.72
C PHE B 152 1.76 -43.47 10.40
N VAL B 153 2.92 -43.59 9.79
CA VAL B 153 4.01 -44.40 10.32
C VAL B 153 5.15 -43.49 10.75
N GLY B 154 5.22 -42.31 10.15
CA GLY B 154 6.27 -41.36 10.49
C GLY B 154 6.48 -40.38 9.35
N MET B 155 7.60 -39.71 9.41
CA MET B 155 8.04 -38.72 8.46
C MET B 155 9.11 -39.30 7.54
N PRO B 156 9.24 -38.77 6.33
CA PRO B 156 10.27 -39.29 5.41
C PRO B 156 11.66 -39.03 5.94
N GLU B 157 12.61 -39.84 5.45
CA GLU B 157 13.97 -39.82 5.99
C GLU B 157 14.61 -38.45 5.87
N TYR B 158 14.23 -37.66 4.87
CA TYR B 158 14.89 -36.40 4.63
C TYR B 158 14.35 -35.24 5.45
N ALA B 159 13.28 -35.47 6.21
CA ALA B 159 12.62 -34.36 6.91
C ALA B 159 13.59 -33.60 7.81
N ASP B 160 14.31 -34.32 8.67
CA ASP B 160 15.29 -33.68 9.53
C ASP B 160 16.26 -32.82 8.73
N MET B 161 16.74 -33.34 7.59
CA MET B 161 17.69 -32.59 6.79
C MET B 161 17.13 -31.23 6.39
N LEU B 162 15.84 -31.19 6.05
CA LEU B 162 15.20 -29.90 5.81
C LEU B 162 15.04 -29.11 7.10
N LEU B 163 14.50 -29.76 8.14
CA LEU B 163 14.13 -29.03 9.35
C LEU B 163 15.31 -28.27 9.92
N ASN B 164 16.42 -28.97 10.14
CA ASN B 164 17.63 -28.30 10.63
C ASN B 164 17.96 -27.09 9.77
N LYS B 165 17.98 -27.27 8.45
CA LYS B 165 18.29 -26.15 7.57
C LYS B 165 17.36 -24.98 7.81
N MET B 166 16.05 -25.25 7.93
CA MET B 166 15.12 -24.16 8.19
C MET B 166 15.46 -23.48 9.50
N SER B 167 15.75 -24.26 10.55
CA SER B 167 16.06 -23.67 11.84
C SER B 167 17.34 -22.86 11.78
N GLU B 168 18.20 -23.15 10.79
CA GLU B 168 19.41 -22.36 10.64
C GLU B 168 19.11 -21.01 10.01
N TYR B 169 18.16 -20.96 9.08
CA TYR B 169 17.88 -19.70 8.41
C TYR B 169 17.28 -18.69 9.36
N ASP B 170 16.23 -19.08 10.08
CA ASP B 170 15.66 -18.22 11.12
C ASP B 170 14.88 -19.11 12.08
N VAL B 171 15.43 -19.33 13.28
CA VAL B 171 14.80 -20.23 14.24
C VAL B 171 13.47 -19.66 14.72
N LYS B 172 13.40 -18.34 14.86
CA LYS B 172 12.12 -17.72 15.22
C LYS B 172 11.09 -17.91 14.11
N LYS B 173 11.53 -17.78 12.85
CA LYS B 173 10.58 -17.83 11.75
C LYS B 173 10.33 -19.25 11.28
N LEU B 174 11.37 -20.07 11.20
CA LEU B 174 11.27 -21.39 10.60
C LEU B 174 11.64 -22.52 11.55
N GLY B 175 12.17 -22.20 12.73
CA GLY B 175 12.61 -23.21 13.67
C GLY B 175 11.51 -23.64 14.60
N ASN B 176 11.84 -24.63 15.44
CA ASN B 176 10.88 -25.25 16.34
C ASN B 176 9.66 -25.76 15.57
N TYR B 177 9.95 -26.49 14.49
CA TYR B 177 8.92 -27.00 13.59
C TYR B 177 8.68 -28.47 13.89
N GLN B 178 7.49 -28.77 14.41
CA GLN B 178 7.05 -30.15 14.59
C GLN B 178 6.04 -30.47 13.51
N PRO B 179 6.35 -31.39 12.59
CA PRO B 179 5.48 -31.60 11.42
C PRO B 179 4.41 -32.65 11.69
N PHE B 180 3.17 -32.31 11.40
CA PHE B 180 2.09 -33.28 11.35
C PHE B 180 1.89 -33.87 9.96
N GLU B 181 2.00 -33.05 8.91
CA GLU B 181 1.81 -33.50 7.54
C GLU B 181 3.02 -33.15 6.71
N MET B 182 3.49 -34.11 5.93
CA MET B 182 4.51 -33.88 4.92
C MET B 182 3.99 -34.48 3.62
N CYS B 183 3.66 -33.62 2.66
CA CYS B 183 2.98 -34.03 1.44
C CYS B 183 3.80 -33.63 0.24
N ASN B 184 4.08 -34.60 -0.62
CA ASN B 184 4.70 -34.34 -1.92
C ASN B 184 3.59 -34.24 -2.95
N LEU B 185 3.57 -33.14 -3.68
CA LEU B 185 2.59 -32.92 -4.74
C LEU B 185 3.30 -32.84 -6.07
N GLU B 186 2.83 -33.60 -7.05
CA GLU B 186 3.41 -33.61 -8.38
C GLU B 186 2.46 -32.90 -9.33
N TYR B 187 2.96 -31.83 -9.94
CA TYR B 187 2.28 -31.09 -10.98
C TYR B 187 2.99 -31.37 -12.29
N GLU B 188 2.23 -31.50 -13.38
CA GLU B 188 2.79 -31.66 -14.71
C GLU B 188 2.07 -30.73 -15.67
N GLU B 189 2.84 -30.10 -16.55
CA GLU B 189 2.25 -29.15 -17.49
C GLU B 189 1.26 -29.84 -18.42
N VAL B 190 1.59 -31.05 -18.88
CA VAL B 190 0.73 -31.75 -19.82
C VAL B 190 -0.57 -32.17 -19.14
N LYS B 191 -0.50 -32.56 -17.87
CA LYS B 191 -1.69 -32.97 -17.14
C LYS B 191 -2.54 -31.79 -16.69
N LYS B 192 -2.07 -30.56 -16.91
CA LYS B 192 -2.77 -29.36 -16.49
C LYS B 192 -3.01 -29.36 -14.98
N SER B 193 -2.04 -29.92 -14.25
CA SER B 193 -2.15 -30.02 -12.80
C SER B 193 -2.07 -28.63 -12.16
N ALA B 194 -2.89 -28.42 -11.13
CA ALA B 194 -2.90 -27.17 -10.39
C ALA B 194 -3.64 -27.41 -9.09
N ILE B 195 -3.71 -26.36 -8.28
CA ILE B 195 -4.47 -26.38 -7.03
C ILE B 195 -5.26 -25.08 -6.93
N GLU B 196 -6.56 -25.22 -6.67
CA GLU B 196 -7.43 -24.05 -6.62
C GLU B 196 -7.10 -23.18 -5.41
N MET B 197 -7.30 -21.88 -5.57
CA MET B 197 -6.97 -20.94 -4.52
C MET B 197 -7.76 -21.26 -3.27
N HIS B 198 -7.06 -21.31 -2.14
CA HIS B 198 -7.62 -21.90 -0.93
C HIS B 198 -6.85 -21.39 0.28
N GLN B 199 -7.43 -21.64 1.45
CA GLN B 199 -6.75 -21.50 2.73
C GLN B 199 -6.68 -22.86 3.37
N ASP B 200 -5.50 -23.27 3.79
CA ASP B 200 -5.35 -24.59 4.40
C ASP B 200 -6.04 -24.64 5.76
N ASP B 201 -6.43 -25.85 6.14
CA ASP B 201 -7.25 -26.03 7.33
C ASP B 201 -6.53 -25.54 8.58
N MET B 202 -7.24 -24.75 9.38
CA MET B 202 -6.68 -24.16 10.59
C MET B 202 -6.95 -24.98 11.84
N TRP B 203 -7.78 -26.01 11.76
CA TRP B 203 -8.11 -26.80 12.94
C TRP B 203 -6.93 -27.67 13.37
N ILE B 204 -6.26 -28.32 12.42
CA ILE B 204 -5.18 -29.23 12.74
C ILE B 204 -3.82 -28.74 12.24
N TRP B 205 -3.76 -28.14 11.05
CA TRP B 205 -2.49 -27.62 10.57
C TRP B 205 -2.20 -26.27 11.20
N GLY B 206 -0.93 -25.96 11.45
CA GLY B 206 -0.57 -24.75 12.21
C GLY B 206 -0.46 -23.45 11.44
N ASN B 207 0.32 -22.51 11.99
CA ASN B 207 0.52 -21.18 11.39
C ASN B 207 1.39 -21.22 10.13
N ARG B 208 2.40 -22.06 10.11
CA ARG B 208 3.36 -22.00 8.99
C ARG B 208 3.11 -23.10 7.97
N LEU B 209 2.96 -22.71 6.70
CA LEU B 209 2.84 -23.74 5.65
C LEU B 209 4.10 -23.67 4.78
N ILE B 210 4.90 -24.73 4.78
CA ILE B 210 6.22 -24.71 4.09
C ILE B 210 6.10 -25.44 2.75
N SER B 211 6.51 -24.81 1.65
CA SER B 211 6.53 -25.47 0.31
C SER B 211 7.92 -25.33 -0.33
N ILE B 212 8.52 -26.44 -0.76
CA ILE B 212 9.84 -26.40 -1.44
C ILE B 212 9.61 -26.79 -2.90
N ASN B 213 10.07 -25.97 -3.83
CA ASN B 213 9.82 -26.22 -5.27
C ASN B 213 10.93 -27.11 -5.82
N LEU B 214 10.57 -28.29 -6.33
CA LEU B 214 11.59 -29.25 -6.83
C LEU B 214 11.34 -29.47 -8.33
N ILE B 215 12.38 -29.82 -9.08
CA ILE B 215 12.30 -29.99 -10.55
C ILE B 215 12.06 -28.64 -11.27
N ASN B 216 10.90 -27.98 -11.13
CA ASN B 216 10.80 -26.65 -11.76
C ASN B 216 10.11 -25.71 -10.78
N GLY B 217 10.30 -24.41 -10.95
CA GLY B 217 9.60 -23.44 -10.11
C GLY B 217 8.22 -23.13 -10.62
N SER B 218 7.45 -22.37 -9.84
CA SER B 218 6.10 -21.95 -10.28
C SER B 218 5.79 -20.62 -9.61
N VAL B 219 4.65 -20.04 -9.91
CA VAL B 219 4.24 -18.77 -9.25
C VAL B 219 3.11 -19.09 -8.27
N MET B 220 3.19 -18.53 -7.07
CA MET B 220 2.06 -18.70 -6.12
C MET B 220 1.20 -17.45 -6.21
N THR B 221 -0.09 -17.63 -6.47
CA THR B 221 -1.01 -16.48 -6.57
C THR B 221 -1.71 -16.35 -5.24
N LEU B 222 -1.62 -15.17 -4.62
CA LEU B 222 -2.21 -14.98 -3.28
C LEU B 222 -3.30 -13.94 -3.41
N SER B 223 -4.50 -14.20 -2.88
CA SER B 223 -5.62 -13.26 -3.07
C SER B 223 -6.19 -12.77 -1.75
N ASN B 224 -6.23 -11.44 -1.56
CA ASN B 224 -6.97 -10.90 -0.39
C ASN B 224 -8.24 -10.33 -1.01
N ASP B 225 -9.31 -11.10 -1.00
CA ASP B 225 -10.56 -10.67 -1.69
C ASP B 225 -11.12 -9.43 -1.00
N ASN B 226 -11.03 -9.38 0.33
CA ASN B 226 -11.60 -8.25 1.10
C ASN B 226 -10.88 -6.95 0.73
N LYS B 227 -9.56 -7.01 0.56
CA LYS B 227 -8.76 -5.80 0.22
C LYS B 227 -8.59 -5.69 -1.30
N SER B 228 -9.17 -6.62 -2.07
CA SER B 228 -9.10 -6.58 -3.55
C SER B 228 -7.66 -6.62 -4.05
N PHE B 229 -6.84 -7.47 -3.44
CA PHE B 229 -5.40 -7.52 -3.80
C PHE B 229 -5.04 -8.91 -4.33
N LEU B 230 -4.35 -8.97 -5.47
CA LEU B 230 -3.84 -10.26 -5.98
C LEU B 230 -2.33 -10.11 -6.10
N CYS B 231 -1.56 -10.96 -5.44
CA CYS B 231 -0.08 -10.84 -5.46
C CYS B 231 0.52 -12.11 -6.06
N TYR B 232 1.44 -11.95 -7.00
CA TYR B 232 2.11 -13.10 -7.63
C TYR B 232 3.52 -13.22 -7.06
N VAL B 233 3.83 -14.34 -6.44
CA VAL B 233 5.21 -14.58 -5.93
C VAL B 233 5.79 -15.66 -6.84
N HIS B 234 6.86 -15.33 -7.56
CA HIS B 234 7.51 -16.37 -8.39
C HIS B 234 8.43 -17.15 -7.48
N MET B 235 8.19 -18.44 -7.37
CA MET B 235 9.06 -19.29 -6.54
C MET B 235 9.97 -20.01 -7.52
N PRO B 236 11.29 -19.76 -7.45
CA PRO B 236 12.24 -20.38 -8.35
C PRO B 236 12.54 -21.84 -7.97
N HIS B 237 13.25 -22.54 -8.84
CA HIS B 237 13.62 -23.95 -8.60
C HIS B 237 14.49 -24.01 -7.35
N ARG B 238 14.33 -25.05 -6.52
CA ARG B 238 15.10 -25.20 -5.25
C ARG B 238 14.86 -24.01 -4.31
N SER B 239 13.61 -23.58 -4.16
CA SER B 239 13.29 -22.42 -3.30
C SER B 239 12.35 -22.87 -2.19
N LEU B 240 12.43 -22.23 -1.02
CA LEU B 240 11.48 -22.54 0.07
C LEU B 240 10.58 -21.34 0.29
N LEU B 241 9.28 -21.59 0.44
CA LEU B 241 8.33 -20.50 0.74
C LEU B 241 7.60 -20.87 2.03
N CYS B 242 7.48 -19.92 2.95
CA CYS B 242 6.67 -20.16 4.16
C CYS B 242 5.51 -19.19 4.08
N MET B 243 4.28 -19.70 4.20
CA MET B 243 3.12 -18.80 4.27
C MET B 243 2.64 -18.87 5.71
N ALA B 244 2.57 -17.73 6.39
CA ALA B 244 2.24 -17.72 7.82
C ALA B 244 1.62 -16.37 8.17
N ASP B 245 1.01 -16.27 9.34
CA ASP B 245 0.48 -14.96 9.81
C ASP B 245 -0.54 -14.46 8.79
N GLU B 246 -0.35 -13.26 8.26
CA GLU B 246 -1.35 -12.67 7.34
C GLU B 246 -1.52 -13.57 6.12
N CYS B 247 -0.44 -14.12 5.59
CA CYS B 247 -0.50 -14.98 4.38
C CYS B 247 -1.32 -16.25 4.66
N ARG B 248 -1.19 -16.81 5.86
CA ARG B 248 -1.93 -18.05 6.22
C ARG B 248 -3.44 -17.84 6.41
N TYR B 249 -3.85 -16.76 7.08
CA TYR B 249 -5.29 -16.60 7.42
C TYR B 249 -5.95 -15.48 6.62
N ASP B 250 -5.25 -14.37 6.37
CA ASP B 250 -5.89 -13.27 5.68
C ASP B 250 -5.71 -13.32 4.17
N TRP B 251 -5.06 -14.36 3.64
CA TRP B 251 -4.83 -14.48 2.21
C TRP B 251 -5.13 -15.91 1.78
N LYS B 252 -5.45 -16.06 0.50
CA LYS B 252 -5.71 -17.36 -0.11
C LYS B 252 -4.61 -17.65 -1.12
N HIS B 253 -4.03 -18.86 -1.05
CA HIS B 253 -2.90 -19.22 -1.88
C HIS B 253 -3.29 -20.28 -2.89
N GLY B 254 -2.78 -20.13 -4.12
CA GLY B 254 -3.05 -21.12 -5.14
C GLY B 254 -1.94 -21.16 -6.18
N VAL B 255 -1.98 -22.20 -7.01
CA VAL B 255 -1.08 -22.37 -8.12
C VAL B 255 -1.90 -22.54 -9.38
N LEU B 256 -1.64 -21.72 -10.39
CA LEU B 256 -2.41 -21.73 -11.61
C LEU B 256 -1.83 -22.75 -12.60
N ALA B 257 -2.62 -23.03 -13.64
CA ALA B 257 -2.22 -24.05 -14.61
C ALA B 257 -1.11 -23.56 -15.52
N HIS B 258 -1.22 -22.32 -16.00
CA HIS B 258 -0.23 -21.80 -16.92
C HIS B 258 1.09 -21.45 -16.24
N HIS B 259 1.16 -21.56 -14.92
CA HIS B 259 2.38 -21.31 -14.17
C HIS B 259 3.23 -22.56 -13.99
N ILE B 260 2.81 -23.69 -14.56
CA ILE B 260 3.50 -24.96 -14.39
C ILE B 260 4.25 -25.29 -15.67
N ARG B 261 5.54 -25.57 -15.54
CA ARG B 261 6.38 -25.96 -16.66
C ARG B 261 6.96 -27.34 -16.38
N GLY B 262 6.84 -28.23 -17.37
CA GLY B 262 7.33 -29.61 -17.21
C GLY B 262 6.77 -30.26 -15.97
N ARG B 263 7.62 -30.87 -15.16
CA ARG B 263 7.16 -31.55 -13.93
C ARG B 263 7.66 -30.74 -12.74
N ARG B 264 6.76 -30.40 -11.82
CA ARG B 264 7.15 -29.67 -10.59
C ARG B 264 6.78 -30.54 -9.40
N ILE B 265 7.58 -30.48 -8.35
CA ILE B 265 7.22 -31.21 -7.13
C ILE B 265 7.22 -30.25 -5.95
N ALA B 266 6.06 -30.06 -5.34
CA ALA B 266 5.93 -29.24 -4.15
C ALA B 266 6.07 -30.15 -2.93
N LEU B 267 7.19 -30.05 -2.24
CA LEU B 267 7.39 -30.75 -0.99
C LEU B 267 6.90 -29.84 0.13
N THR B 268 5.73 -30.14 0.68
CA THR B 268 5.03 -29.26 1.60
C THR B 268 5.05 -29.86 3.00
N MET B 269 5.21 -29.01 3.99
CA MET B 269 5.21 -29.40 5.39
C MET B 269 4.24 -28.51 6.16
N ARG B 270 3.52 -29.12 7.09
CA ARG B 270 2.55 -28.44 7.93
C ARG B 270 2.80 -28.81 9.39
N GLU B 271 2.58 -27.85 10.28
CA GLU B 271 2.96 -27.99 11.67
C GLU B 271 1.73 -28.09 12.57
N ALA B 272 1.99 -28.42 13.82
CA ALA B 272 0.93 -28.65 14.80
C ALA B 272 0.17 -27.36 15.09
N ALA B 273 -1.15 -27.48 15.20
CA ALA B 273 -1.94 -26.37 15.67
C ALA B 273 -1.83 -26.25 17.18
N LYS B 274 -2.35 -25.15 17.72
CA LYS B 274 -2.31 -24.93 19.16
C LYS B 274 -3.08 -26.03 19.89
N ASP B 275 -4.22 -26.44 19.33
CA ASP B 275 -5.07 -27.42 20.01
C ASP B 275 -4.37 -28.76 20.14
N PHE B 276 -3.63 -29.18 19.12
CA PHE B 276 -3.03 -30.51 19.12
C PHE B 276 -1.67 -30.51 19.79
N ALA B 277 -1.00 -29.37 19.86
CA ALA B 277 0.32 -29.32 20.48
C ALA B 277 0.19 -29.42 22.00
N GLU B 278 1.34 -29.54 22.67
CA GLU B 278 1.36 -29.66 24.11
C GLU B 278 0.74 -28.44 24.76
N GLY B 279 0.05 -28.66 25.88
CA GLY B 279 -0.67 -27.57 26.51
C GLY B 279 -1.91 -27.15 25.76
N GLY B 280 -2.48 -28.04 24.96
CA GLY B 280 -3.67 -27.74 24.20
C GLY B 280 -4.77 -28.73 24.52
N GLU B 281 -5.97 -28.40 24.04
CA GLU B 281 -7.15 -29.19 24.38
C GLU B 281 -7.02 -30.62 23.87
N LEU B 282 -6.55 -30.80 22.64
CA LEU B 282 -6.57 -32.09 21.99
C LEU B 282 -5.23 -32.83 22.05
N TYR B 283 -4.28 -32.35 22.87
CA TYR B 283 -2.99 -33.01 22.94
C TYR B 283 -3.11 -34.44 23.48
N GLU B 284 -3.90 -34.62 24.54
CA GLU B 284 -3.99 -35.93 25.17
C GLU B 284 -4.72 -36.93 24.27
N LYS B 285 -5.76 -36.47 23.57
CA LYS B 285 -6.50 -37.36 22.69
C LYS B 285 -5.70 -37.67 21.43
N TYR B 286 -5.09 -36.66 20.82
CA TYR B 286 -4.44 -36.84 19.53
C TYR B 286 -2.97 -36.43 19.54
N GLY B 287 -2.65 -35.35 20.26
CA GLY B 287 -1.38 -34.68 20.04
C GLY B 287 -0.17 -35.52 20.37
N ALA B 288 -0.19 -36.21 21.51
CA ALA B 288 0.99 -36.96 21.94
C ALA B 288 1.33 -38.05 20.95
N GLU B 289 0.32 -38.78 20.48
CA GLU B 289 0.55 -39.82 19.48
C GLU B 289 1.09 -39.22 18.20
N LEU B 290 0.54 -38.09 17.77
CA LEU B 290 0.98 -37.47 16.53
C LEU B 290 2.43 -37.03 16.62
N ILE B 291 2.82 -36.47 17.76
CA ILE B 291 4.21 -36.07 17.96
C ILE B 291 5.13 -37.28 17.97
N ARG B 292 4.74 -38.33 18.69
CA ARG B 292 5.56 -39.53 18.74
C ARG B 292 5.72 -40.14 17.35
N LEU B 293 4.67 -40.08 16.54
CA LEU B 293 4.74 -40.61 15.19
C LEU B 293 5.62 -39.74 14.30
N GLY B 294 5.46 -38.42 14.39
CA GLY B 294 6.28 -37.53 13.60
C GLY B 294 7.75 -37.61 13.96
N ASN B 295 8.05 -38.08 15.18
CA ASN B 295 9.44 -38.32 15.53
C ASN B 295 10.01 -39.54 14.82
N ILE B 296 9.14 -40.41 14.30
CA ILE B 296 9.61 -41.59 13.58
C ILE B 296 9.98 -41.20 12.15
N ARG B 297 11.05 -41.82 11.65
CA ARG B 297 11.56 -41.53 10.31
C ARG B 297 11.48 -42.79 9.46
N VAL B 298 10.81 -42.69 8.33
CA VAL B 298 10.70 -43.82 7.42
C VAL B 298 12.02 -43.99 6.66
N PRO B 299 12.62 -45.19 6.66
CA PRO B 299 13.88 -45.37 5.93
C PRO B 299 13.62 -45.44 4.43
N LEU B 300 14.18 -44.47 3.69
CA LEU B 300 13.91 -44.34 2.28
C LEU B 300 15.13 -44.53 1.40
N SER B 301 16.33 -44.23 1.89
CA SER B 301 17.54 -44.38 1.10
C SER B 301 17.91 -45.85 0.97
N LYS B 302 18.62 -46.17 -0.11
CA LYS B 302 19.06 -47.54 -0.34
C LYS B 302 20.46 -47.57 -0.94
N HIS C 49 -20.66 4.34 17.31
CA HIS C 49 -19.33 4.76 17.82
C HIS C 49 -19.42 4.96 19.33
N VAL C 50 -20.51 4.48 19.95
CA VAL C 50 -20.72 4.73 21.41
C VAL C 50 -19.87 3.74 22.23
N ASN C 51 -19.47 2.62 21.63
CA ASN C 51 -18.65 1.61 22.34
C ASN C 51 -17.26 1.53 21.70
N TYR C 52 -16.76 2.68 21.22
CA TYR C 52 -15.40 2.72 20.62
C TYR C 52 -14.40 2.89 21.75
N LYS C 53 -13.21 2.32 21.59
CA LYS C 53 -12.16 2.51 22.62
C LYS C 53 -11.61 3.93 22.46
N VAL C 54 -11.70 4.75 23.51
CA VAL C 54 -11.28 6.16 23.38
C VAL C 54 -9.81 6.32 23.78
N PHE C 55 -9.08 7.16 23.05
CA PHE C 55 -7.65 7.38 23.32
C PHE C 55 -7.39 8.89 23.35
N ILE C 56 -6.23 9.32 23.85
CA ILE C 56 -5.88 10.77 23.86
C ILE C 56 -4.43 10.88 23.39
N TYR C 57 -4.09 11.90 22.59
CA TYR C 57 -2.73 11.95 22.01
C TYR C 57 -1.75 12.69 22.92
N ASP C 58 -0.54 12.15 23.05
CA ASP C 58 0.53 12.88 23.79
C ASP C 58 1.52 13.31 22.71
N HIS C 59 1.75 14.61 22.56
CA HIS C 59 2.64 15.11 21.48
C HIS C 59 4.10 14.91 21.87
N ILE C 60 4.36 14.64 23.15
CA ILE C 60 5.76 14.49 23.63
C ILE C 60 6.17 13.04 23.41
N ARG C 61 5.25 12.10 23.67
CA ARG C 61 5.57 10.67 23.52
C ARG C 61 5.07 10.18 22.16
N GLN C 62 4.27 10.98 21.46
CA GLN C 62 3.76 10.63 20.11
C GLN C 62 3.04 9.29 20.17
N ILE C 63 2.29 9.02 21.24
CA ILE C 63 1.50 7.77 21.37
C ILE C 63 0.08 8.19 21.74
N ALA C 64 -0.87 7.25 21.67
CA ALA C 64 -2.25 7.56 22.09
C ALA C 64 -2.56 6.75 23.35
N ILE C 65 -2.84 7.42 24.46
CA ILE C 65 -3.04 6.72 25.75
C ILE C 65 -4.53 6.40 25.91
N PRO C 66 -4.91 5.13 26.17
CA PRO C 66 -6.29 4.78 26.34
C PRO C 66 -6.87 5.43 27.60
N THR C 67 -8.06 6.03 27.48
CA THR C 67 -8.67 6.71 28.63
C THR C 67 -10.13 6.29 28.73
N THR C 68 -10.65 6.20 29.95
CA THR C 68 -12.07 5.84 30.16
C THR C 68 -12.79 7.13 30.55
N ASN C 69 -12.03 8.21 30.74
CA ASN C 69 -12.62 9.51 31.17
C ASN C 69 -13.10 10.28 29.94
N LEU C 70 -12.84 9.74 28.76
CA LEU C 70 -13.34 10.37 27.51
C LEU C 70 -14.36 9.43 26.89
N ASN C 71 -15.27 9.94 26.06
CA ASN C 71 -16.26 9.10 25.34
C ASN C 71 -16.61 9.76 24.01
N SER C 72 -17.52 9.17 23.23
CA SER C 72 -17.91 9.70 21.90
C SER C 72 -18.48 11.12 22.04
N GLN C 73 -18.97 11.48 23.23
CA GLN C 73 -19.59 12.79 23.45
C GLN C 73 -18.90 13.51 24.60
N SER C 74 -17.56 13.51 24.61
CA SER C 74 -16.82 14.26 25.65
C SER C 74 -16.63 15.72 25.20
N SER C 75 -16.60 16.65 26.15
CA SER C 75 -16.50 18.09 25.81
C SER C 75 -15.06 18.44 25.45
N LEU C 76 -14.87 19.51 24.68
CA LEU C 76 -13.49 19.97 24.35
C LEU C 76 -12.73 20.18 25.66
N GLU C 77 -13.37 20.77 26.65
CA GLU C 77 -12.71 21.04 27.95
C GLU C 77 -12.14 19.73 28.51
N ASP C 78 -12.92 18.66 28.49
CA ASP C 78 -12.47 17.38 29.09
C ASP C 78 -11.28 16.83 28.31
N ILE C 79 -11.29 16.99 26.98
CA ILE C 79 -10.20 16.47 26.12
C ILE C 79 -8.94 17.29 26.38
N ILE C 80 -9.09 18.61 26.51
CA ILE C 80 -7.93 19.50 26.81
C ILE C 80 -7.31 19.04 28.12
N ASP C 81 -8.14 18.81 29.14
CA ASP C 81 -7.62 18.40 30.47
C ASP C 81 -6.96 17.03 30.38
N GLU C 82 -7.47 16.15 29.54
CA GLU C 82 -6.88 14.80 29.39
C GLU C 82 -5.57 14.94 28.59
N SER C 83 -5.49 15.91 27.70
CA SER C 83 -4.25 16.14 26.92
C SER C 83 -3.12 16.55 27.86
N THR C 84 -3.46 17.14 29.00
CA THR C 84 -2.44 17.60 29.96
C THR C 84 -2.24 16.53 31.04
N SER C 85 -3.18 15.60 31.17
CA SER C 85 -3.09 14.58 32.24
C SER C 85 -2.57 13.27 31.66
N CYS C 86 -2.55 13.14 30.34
CA CYS C 86 -2.14 11.87 29.70
C CYS C 86 -0.62 11.80 29.63
N GLN C 87 0.07 12.91 29.90
CA GLN C 87 1.55 12.92 29.75
C GLN C 87 2.19 12.24 30.95
N SER C 88 1.39 11.66 31.84
CA SER C 88 1.93 11.06 33.07
C SER C 88 1.58 9.56 33.14
N VAL C 89 0.53 9.14 32.44
CA VAL C 89 0.06 7.73 32.50
C VAL C 89 1.08 6.83 31.80
N SER C 90 1.08 5.53 32.11
CA SER C 90 2.07 4.60 31.54
C SER C 90 1.92 4.46 30.04
N THR C 91 2.97 4.00 29.36
CA THR C 91 2.93 3.79 27.89
C THR C 91 2.29 2.44 27.61
N ASP C 92 1.61 1.86 28.60
CA ASP C 92 1.04 0.51 28.44
C ASP C 92 -0.41 0.62 27.97
N GLY C 93 -0.76 -0.14 26.94
CA GLY C 93 -2.11 -0.06 26.37
C GLY C 93 -2.13 0.98 25.29
N SER C 94 -0.99 1.60 25.03
CA SER C 94 -0.94 2.71 24.07
C SER C 94 -0.87 2.21 22.63
N ILE C 95 -1.38 3.00 21.69
CA ILE C 95 -1.27 2.66 20.25
C ILE C 95 -0.47 3.77 19.59
N GLU C 96 0.20 3.47 18.49
CA GLU C 96 0.96 4.51 17.75
C GLU C 96 0.32 4.66 16.37
N ILE C 97 -0.25 5.84 16.11
CA ILE C 97 -0.87 6.09 14.78
C ILE C 97 0.20 6.68 13.87
N ASP C 98 0.71 5.87 12.94
CA ASP C 98 1.78 6.32 12.01
C ASP C 98 1.26 7.43 11.11
N GLY C 99 1.96 8.55 11.06
CA GLY C 99 1.55 9.68 10.22
C GLY C 99 1.15 10.87 11.05
N LEU C 100 0.55 10.62 12.21
CA LEU C 100 0.07 11.72 13.08
C LEU C 100 1.26 12.53 13.58
N THR C 101 1.33 13.81 13.21
CA THR C 101 2.43 14.70 13.64
C THR C 101 1.82 16.03 14.08
N LEU C 102 1.83 16.32 15.38
CA LEU C 102 1.33 17.63 15.88
C LEU C 102 2.54 18.52 16.19
N ILE C 103 2.52 19.76 15.71
CA ILE C 103 3.61 20.74 15.99
C ILE C 103 3.00 21.93 16.71
N HIS C 104 3.12 21.97 18.04
CA HIS C 104 2.55 23.09 18.83
C HIS C 104 3.34 24.37 18.60
N ASN C 105 2.70 25.53 18.66
CA ASN C 105 3.37 26.84 18.46
C ASN C 105 4.13 26.85 17.13
N PHE C 106 3.49 26.42 16.04
CA PHE C 106 4.12 26.43 14.71
C PHE C 106 4.21 27.88 14.24
N LEU C 107 3.05 28.51 14.11
CA LEU C 107 3.00 29.94 13.69
C LEU C 107 3.16 30.80 14.93
N SER C 108 3.74 31.99 14.75
CA SER C 108 3.92 32.93 15.88
C SER C 108 2.77 33.93 15.84
N GLU C 109 2.64 34.76 16.87
CA GLU C 109 1.58 35.78 16.91
C GLU C 109 1.67 36.61 15.63
N SER C 110 2.88 37.06 15.28
CA SER C 110 3.05 37.91 14.07
C SER C 110 2.70 37.11 12.82
N GLU C 111 3.31 35.94 12.64
CA GLU C 111 3.08 35.14 11.41
C GLU C 111 1.58 34.88 11.26
N GLU C 112 0.92 34.53 12.35
CA GLU C 112 -0.55 34.30 12.31
C GLU C 112 -1.22 35.57 11.80
N SER C 113 -1.00 36.70 12.45
CA SER C 113 -1.67 37.97 12.07
C SER C 113 -1.43 38.34 10.60
N LYS C 114 -0.24 38.09 10.08
CA LYS C 114 0.05 38.37 8.65
C LYS C 114 -0.88 37.50 7.82
N ILE C 115 -0.79 36.19 7.99
CA ILE C 115 -1.65 35.24 7.21
C ILE C 115 -3.12 35.56 7.48
N LEU C 116 -3.48 35.83 8.74
CA LEU C 116 -4.88 36.10 9.12
C LEU C 116 -5.42 37.33 8.37
N ASN C 117 -4.67 38.44 8.34
CA ASN C 117 -5.18 39.67 7.68
C ASN C 117 -5.37 39.42 6.18
N MET C 118 -4.41 38.76 5.54
CA MET C 118 -4.49 38.48 4.09
C MET C 118 -5.69 37.59 3.82
N ILE C 119 -5.94 36.59 4.67
CA ILE C 119 -7.08 35.66 4.48
C ILE C 119 -8.37 36.47 4.54
N ASP C 120 -8.48 37.35 5.51
CA ASP C 120 -9.73 38.14 5.70
C ASP C 120 -9.95 39.07 4.50
N THR C 121 -8.88 39.65 3.95
CA THR C 121 -8.99 40.53 2.75
C THR C 121 -9.45 39.73 1.52
N VAL C 122 -9.38 38.40 1.56
CA VAL C 122 -9.87 37.58 0.43
C VAL C 122 -11.34 37.24 0.67
N LYS C 123 -12.09 36.98 -0.41
CA LYS C 123 -13.55 36.72 -0.31
C LYS C 123 -13.83 35.33 0.25
N TRP C 124 -14.76 35.23 1.21
CA TRP C 124 -15.12 33.93 1.82
C TRP C 124 -16.36 33.35 1.14
N ALA C 125 -16.23 32.21 0.47
CA ALA C 125 -17.39 31.55 -0.18
C ALA C 125 -18.12 30.68 0.84
N LYS C 126 -19.29 30.16 0.50
CA LYS C 126 -20.08 29.36 1.47
C LYS C 126 -19.92 27.87 1.18
N SER C 127 -19.77 27.06 2.22
CA SER C 127 -19.61 25.58 2.06
C SER C 127 -20.71 24.89 2.85
N LYS C 128 -20.50 23.63 3.22
CA LYS C 128 -21.57 22.86 3.90
C LYS C 128 -21.34 22.77 5.40
N SER C 129 -22.30 22.20 6.12
CA SER C 129 -22.19 21.98 7.59
C SER C 129 -21.77 23.25 8.34
N GLY C 130 -22.17 24.44 7.86
CA GLY C 130 -21.89 25.69 8.59
C GLY C 130 -20.53 26.27 8.27
N ARG C 131 -19.77 25.63 7.40
CA ARG C 131 -18.39 26.10 7.13
C ARG C 131 -18.37 27.08 5.97
N ARG C 132 -17.32 27.87 5.86
CA ARG C 132 -17.14 28.81 4.73
C ARG C 132 -15.77 28.49 4.14
N LYS C 133 -15.59 28.56 2.84
CA LYS C 133 -14.30 28.09 2.25
C LYS C 133 -13.57 29.16 1.45
N GLN C 134 -12.29 28.95 1.19
CA GLN C 134 -11.48 29.86 0.35
C GLN C 134 -10.55 28.95 -0.45
N ASP C 135 -10.99 28.43 -1.59
CA ASP C 135 -10.18 27.44 -2.34
C ASP C 135 -9.02 28.09 -3.08
N TYR C 136 -7.91 27.37 -3.23
CA TYR C 136 -6.74 27.89 -3.97
C TYR C 136 -6.14 26.74 -4.78
N GLY C 137 -6.98 25.95 -5.44
CA GLY C 137 -6.49 24.87 -6.30
C GLY C 137 -7.38 24.64 -7.50
N PRO C 138 -7.30 23.47 -8.17
CA PRO C 138 -8.12 23.19 -9.33
C PRO C 138 -9.53 22.73 -8.95
N LYS C 139 -10.45 22.72 -9.91
CA LYS C 139 -11.82 22.20 -9.64
C LYS C 139 -11.82 20.72 -10.04
N VAL C 140 -12.14 19.81 -9.11
CA VAL C 140 -12.01 18.36 -9.43
C VAL C 140 -13.33 17.62 -9.27
N ASN C 141 -13.66 16.73 -10.23
CA ASN C 141 -14.85 15.85 -10.11
C ASN C 141 -14.30 14.48 -9.71
N PHE C 142 -14.18 14.22 -8.41
CA PHE C 142 -13.55 12.96 -7.93
C PHE C 142 -14.26 11.72 -8.46
N LYS C 143 -15.56 11.59 -8.20
CA LYS C 143 -16.28 10.35 -8.60
C LYS C 143 -16.19 10.18 -10.13
N HIS C 144 -16.28 11.27 -10.87
CA HIS C 144 -16.28 11.19 -12.36
C HIS C 144 -14.85 11.29 -12.89
N LYS C 145 -13.86 11.37 -12.00
CA LYS C 145 -12.43 11.39 -12.44
C LYS C 145 -12.17 12.51 -13.45
N LYS C 146 -12.62 13.73 -13.16
CA LYS C 146 -12.38 14.88 -14.08
C LYS C 146 -11.71 16.03 -13.32
N VAL C 147 -10.79 16.75 -13.96
CA VAL C 147 -10.09 17.92 -13.33
C VAL C 147 -10.12 19.13 -14.27
N LYS C 148 -10.38 20.34 -13.75
CA LYS C 148 -10.38 21.59 -14.56
C LYS C 148 -9.44 22.60 -13.86
N THR C 149 -8.45 23.15 -14.57
CA THR C 149 -7.42 24.00 -13.92
C THR C 149 -7.58 25.48 -14.28
N ASP C 150 -8.67 25.85 -14.96
CA ASP C 150 -8.85 27.24 -15.43
C ASP C 150 -8.84 28.20 -14.24
N THR C 151 -9.67 27.94 -13.23
CA THR C 151 -9.80 28.84 -12.06
C THR C 151 -8.46 28.98 -11.33
N PHE C 152 -7.66 27.93 -11.29
CA PHE C 152 -6.36 27.94 -10.58
C PHE C 152 -5.53 29.14 -11.03
N VAL C 153 -5.22 30.05 -10.11
CA VAL C 153 -4.38 31.24 -10.44
C VAL C 153 -3.01 31.01 -9.80
N GLY C 154 -2.98 30.18 -8.76
CA GLY C 154 -1.71 29.90 -8.07
C GLY C 154 -1.92 29.67 -6.60
N MET C 155 -0.84 29.73 -5.81
CA MET C 155 -0.94 29.51 -4.36
C MET C 155 -0.83 30.88 -3.67
N PRO C 156 -1.50 31.11 -2.53
CA PRO C 156 -1.34 32.37 -1.80
C PRO C 156 0.12 32.56 -1.39
N GLU C 157 0.59 33.80 -1.26
CA GLU C 157 2.05 34.01 -0.98
C GLU C 157 2.46 33.51 0.40
N TYR C 158 1.51 33.29 1.30
CA TYR C 158 1.89 32.72 2.63
C TYR C 158 2.36 31.27 2.46
N ALA C 159 2.10 30.66 1.32
CA ALA C 159 2.55 29.27 1.07
C ALA C 159 4.04 29.15 1.33
N ASP C 160 4.85 29.97 0.67
CA ASP C 160 6.32 29.88 0.80
C ASP C 160 6.75 29.87 2.26
N MET C 161 6.31 30.84 3.06
CA MET C 161 6.65 30.89 4.50
C MET C 161 6.31 29.56 5.15
N LEU C 162 5.05 29.14 5.08
CA LEU C 162 4.62 27.87 5.70
C LEU C 162 5.50 26.72 5.21
N LEU C 163 5.67 26.57 3.90
CA LEU C 163 6.45 25.41 3.35
C LEU C 163 7.88 25.46 3.86
N ASN C 164 8.46 26.66 3.97
CA ASN C 164 9.86 26.79 4.45
C ASN C 164 9.92 26.32 5.88
N LYS C 165 9.03 26.83 6.74
CA LYS C 165 9.06 26.47 8.19
C LYS C 165 8.81 24.97 8.33
N MET C 166 8.05 24.39 7.41
CA MET C 166 7.72 22.94 7.48
C MET C 166 9.00 22.13 7.25
N SER C 167 9.77 22.47 6.22
CA SER C 167 11.01 21.72 5.93
C SER C 167 12.02 21.92 7.06
N GLU C 168 11.97 23.07 7.72
CA GLU C 168 12.92 23.38 8.81
C GLU C 168 12.67 22.40 9.97
N TYR C 169 11.42 22.02 10.19
CA TYR C 169 11.13 21.03 11.24
C TYR C 169 11.62 19.66 10.78
N ASP C 170 10.95 19.09 9.78
CA ASP C 170 11.36 17.77 9.24
C ASP C 170 11.38 17.84 7.71
N VAL C 171 12.47 17.40 7.08
CA VAL C 171 12.59 17.43 5.60
C VAL C 171 11.99 16.14 5.05
N LYS C 172 11.73 15.17 5.94
CA LYS C 172 11.13 13.88 5.51
C LYS C 172 9.63 13.95 5.79
N LYS C 173 9.27 14.41 6.98
CA LYS C 173 7.83 14.43 7.35
C LYS C 173 7.15 15.59 6.65
N LEU C 174 7.73 16.79 6.72
CA LEU C 174 7.04 17.97 6.13
C LEU C 174 7.93 18.60 5.07
N GLY C 175 8.63 17.80 4.29
CA GLY C 175 9.44 18.37 3.22
C GLY C 175 9.01 17.89 1.85
N ASN C 176 9.68 18.35 0.80
CA ASN C 176 9.37 17.94 -0.59
C ASN C 176 7.87 18.05 -0.83
N TYR C 177 7.27 19.19 -0.48
CA TYR C 177 5.80 19.36 -0.61
C TYR C 177 5.46 20.07 -1.91
N GLN C 178 4.57 19.48 -2.70
CA GLN C 178 4.09 20.15 -3.94
C GLN C 178 2.63 20.50 -3.72
N PRO C 179 2.30 21.75 -3.33
CA PRO C 179 0.92 22.08 -3.02
C PRO C 179 -0.01 21.95 -4.23
N PHE C 180 -1.11 21.22 -4.07
CA PHE C 180 -2.10 21.08 -5.17
C PHE C 180 -3.37 21.81 -4.78
N GLU C 181 -3.59 22.04 -3.48
CA GLU C 181 -4.75 22.83 -3.02
C GLU C 181 -4.39 23.50 -1.70
N MET C 182 -4.99 24.65 -1.40
CA MET C 182 -4.76 25.33 -0.11
C MET C 182 -6.09 25.91 0.34
N CYS C 183 -7.11 25.06 0.49
CA CYS C 183 -8.45 25.56 0.86
C CYS C 183 -8.46 25.99 2.32
N ASN C 184 -8.63 27.28 2.60
CA ASN C 184 -8.76 27.72 4.00
C ASN C 184 -10.22 27.49 4.39
N LEU C 185 -10.51 27.11 5.64
CA LEU C 185 -11.89 26.77 6.04
C LEU C 185 -12.26 27.48 7.34
N GLU C 186 -13.34 28.26 7.32
CA GLU C 186 -13.76 29.02 8.52
C GLU C 186 -14.84 28.23 9.26
N TYR C 187 -14.66 28.02 10.56
CA TYR C 187 -15.68 27.30 11.37
C TYR C 187 -16.13 28.27 12.47
N GLU C 188 -17.42 28.28 12.80
CA GLU C 188 -17.95 29.22 13.81
C GLU C 188 -18.81 28.44 14.81
N GLU C 189 -18.87 28.88 16.06
CA GLU C 189 -19.64 28.16 17.11
C GLU C 189 -21.11 28.50 16.95
N VAL C 190 -21.42 29.75 16.61
CA VAL C 190 -22.84 30.20 16.49
C VAL C 190 -23.51 29.46 15.33
N LYS C 191 -22.74 29.10 14.31
CA LYS C 191 -23.31 28.45 13.11
C LYS C 191 -23.14 26.93 13.21
N LYS C 192 -22.82 26.41 14.41
CA LYS C 192 -22.63 24.95 14.62
C LYS C 192 -21.87 24.37 13.43
N SER C 193 -20.67 24.88 13.17
CA SER C 193 -19.91 24.44 11.98
C SER C 193 -19.02 23.25 12.35
N ALA C 194 -18.94 22.27 11.44
CA ALA C 194 -18.10 21.07 11.68
C ALA C 194 -17.87 20.32 10.37
N ILE C 195 -16.82 19.50 10.31
CA ILE C 195 -16.66 18.62 9.12
C ILE C 195 -16.94 17.22 9.66
N GLU C 196 -17.56 16.35 8.89
CA GLU C 196 -17.95 15.04 9.48
C GLU C 196 -16.80 14.04 9.25
N MET C 197 -16.77 12.98 10.06
CA MET C 197 -15.65 12.00 9.97
C MET C 197 -15.48 11.59 8.51
N HIS C 198 -14.29 11.77 7.95
CA HIS C 198 -14.14 11.50 6.51
C HIS C 198 -12.71 11.18 6.12
N GLN C 199 -12.53 10.56 4.96
CA GLN C 199 -11.17 10.31 4.42
C GLN C 199 -11.12 11.11 3.12
N ASP C 200 -10.10 11.93 2.94
CA ASP C 200 -10.03 12.81 1.74
C ASP C 200 -9.72 11.99 0.50
N ASP C 201 -10.00 12.55 -0.69
CA ASP C 201 -9.83 11.80 -1.96
C ASP C 201 -8.39 11.31 -2.10
N MET C 202 -8.22 10.05 -2.51
CA MET C 202 -6.87 9.47 -2.67
C MET C 202 -6.49 9.44 -4.16
N TRP C 203 -7.28 10.10 -5.01
CA TRP C 203 -7.02 10.10 -6.47
C TRP C 203 -6.11 11.27 -6.85
N ILE C 204 -6.40 12.48 -6.35
CA ILE C 204 -5.53 13.67 -6.63
C ILE C 204 -4.76 14.02 -5.36
N TRP C 205 -5.42 13.96 -4.20
CA TRP C 205 -4.77 14.35 -2.93
C TRP C 205 -3.77 13.26 -2.51
N GLY C 206 -2.62 13.67 -1.99
CA GLY C 206 -1.55 12.70 -1.68
C GLY C 206 -1.52 12.19 -0.25
N ASN C 207 -0.41 11.58 0.13
CA ASN C 207 -0.26 10.98 1.49
C ASN C 207 -0.38 12.02 2.59
N ARG C 208 0.23 13.18 2.43
CA ARG C 208 0.27 14.14 3.57
C ARG C 208 -0.86 15.18 3.50
N LEU C 209 -1.64 15.29 4.57
CA LEU C 209 -2.68 16.34 4.64
C LEU C 209 -2.26 17.28 5.78
N ILE C 210 -2.13 18.57 5.51
CA ILE C 210 -1.63 19.52 6.55
C ILE C 210 -2.75 20.46 6.96
N SER C 211 -2.90 20.71 8.27
CA SER C 211 -3.94 21.65 8.77
C SER C 211 -3.33 22.52 9.87
N ILE C 212 -3.36 23.84 9.70
CA ILE C 212 -2.83 24.79 10.73
C ILE C 212 -4.01 25.49 11.41
N ASN C 213 -4.07 25.43 12.74
CA ASN C 213 -5.21 26.01 13.49
C ASN C 213 -5.01 27.50 13.72
N LEU C 214 -5.87 28.34 13.16
CA LEU C 214 -5.74 29.81 13.29
C LEU C 214 -6.87 30.36 14.14
N ILE C 215 -6.67 31.51 14.81
CA ILE C 215 -7.66 32.16 15.72
C ILE C 215 -7.92 31.30 16.97
N ASN C 216 -8.47 30.10 16.78
CA ASN C 216 -8.79 29.24 17.94
C ASN C 216 -8.33 27.83 17.63
N GLY C 217 -8.08 27.02 18.66
CA GLY C 217 -7.73 25.62 18.43
C GLY C 217 -8.95 24.74 18.62
N SER C 218 -8.88 23.49 18.20
CA SER C 218 -10.02 22.57 18.41
C SER C 218 -9.48 21.17 18.71
N VAL C 219 -10.28 20.13 18.43
CA VAL C 219 -9.84 18.73 18.66
C VAL C 219 -10.14 17.95 17.38
N MET C 220 -9.12 17.37 16.75
CA MET C 220 -9.35 16.52 15.57
C MET C 220 -9.74 15.13 16.06
N THR C 221 -10.92 14.65 15.69
CA THR C 221 -11.35 13.29 16.06
C THR C 221 -10.89 12.34 14.96
N LEU C 222 -10.29 11.21 15.33
CA LEU C 222 -9.79 10.22 14.36
C LEU C 222 -10.44 8.87 14.68
N SER C 223 -10.57 7.98 13.69
CA SER C 223 -11.32 6.73 13.95
C SER C 223 -10.88 5.55 13.08
N ASN C 224 -10.67 4.39 13.69
CA ASN C 224 -10.42 3.15 12.89
C ASN C 224 -11.65 2.30 13.18
N ASP C 225 -12.67 2.41 12.32
CA ASP C 225 -13.96 1.72 12.60
C ASP C 225 -13.76 0.21 12.70
N ASN C 226 -12.81 -0.33 11.95
CA ASN C 226 -12.56 -1.79 11.94
C ASN C 226 -12.08 -2.23 13.33
N LYS C 227 -11.12 -1.49 13.92
CA LYS C 227 -10.59 -1.84 15.26
C LYS C 227 -11.45 -1.19 16.34
N SER C 228 -12.51 -0.48 15.94
CA SER C 228 -13.43 0.19 16.89
C SER C 228 -12.62 1.12 17.79
N PHE C 229 -11.85 2.02 17.20
CA PHE C 229 -10.98 2.92 17.97
C PHE C 229 -11.36 4.37 17.71
N LEU C 230 -11.17 5.26 18.69
CA LEU C 230 -11.45 6.70 18.50
C LEU C 230 -10.38 7.49 19.26
N CYS C 231 -9.56 8.27 18.56
CA CYS C 231 -8.54 9.09 19.24
C CYS C 231 -8.94 10.56 19.17
N TYR C 232 -8.68 11.30 20.24
CA TYR C 232 -8.98 12.74 20.29
C TYR C 232 -7.65 13.50 20.31
N VAL C 233 -7.31 14.16 19.21
CA VAL C 233 -6.03 14.93 19.13
C VAL C 233 -6.36 16.41 19.34
N HIS C 234 -6.08 16.93 20.53
CA HIS C 234 -6.30 18.37 20.80
C HIS C 234 -5.30 19.19 19.98
N MET C 235 -5.77 19.84 18.93
CA MET C 235 -4.89 20.72 18.13
C MET C 235 -5.03 22.11 18.73
N PRO C 236 -4.03 22.64 19.47
CA PRO C 236 -4.19 23.93 20.11
C PRO C 236 -4.03 25.10 19.14
N HIS C 237 -4.05 26.32 19.69
CA HIS C 237 -3.93 27.53 18.83
C HIS C 237 -2.54 27.56 18.18
N ARG C 238 -2.49 27.89 16.88
CA ARG C 238 -1.22 27.98 16.13
C ARG C 238 -0.51 26.63 16.18
N SER C 239 -1.20 25.58 15.72
CA SER C 239 -0.59 24.23 15.71
C SER C 239 -0.66 23.67 14.29
N LEU C 240 0.30 22.84 13.88
CA LEU C 240 0.22 22.18 12.56
C LEU C 240 -0.08 20.70 12.79
N LEU C 241 -1.04 20.15 12.06
CA LEU C 241 -1.31 18.69 12.15
C LEU C 241 -1.12 18.09 10.76
N CYS C 242 -0.18 17.17 10.63
CA CYS C 242 -0.05 16.44 9.34
C CYS C 242 -0.68 15.09 9.55
N MET C 243 -1.64 14.72 8.70
CA MET C 243 -2.25 13.38 8.78
C MET C 243 -1.75 12.62 7.55
N ALA C 244 -1.13 11.47 7.75
CA ALA C 244 -0.50 10.78 6.61
C ALA C 244 -0.44 9.28 6.88
N ASP C 245 -0.12 8.49 5.86
CA ASP C 245 0.09 7.03 6.06
C ASP C 245 -1.12 6.41 6.74
N GLU C 246 -0.91 5.68 7.84
CA GLU C 246 -2.02 4.97 8.52
C GLU C 246 -3.04 6.00 8.98
N CYS C 247 -2.58 7.15 9.46
CA CYS C 247 -3.50 8.18 10.00
C CYS C 247 -4.46 8.64 8.89
N ARG C 248 -3.97 8.72 7.65
CA ARG C 248 -4.83 9.23 6.55
C ARG C 248 -5.49 8.07 5.81
N TYR C 249 -4.73 7.04 5.46
CA TYR C 249 -5.26 5.91 4.66
C TYR C 249 -6.24 5.02 5.43
N ASP C 250 -5.92 4.67 6.69
CA ASP C 250 -6.76 3.69 7.42
C ASP C 250 -7.68 4.37 8.42
N TRP C 251 -7.44 5.65 8.70
CA TRP C 251 -8.21 6.36 9.75
C TRP C 251 -9.00 7.52 9.16
N LYS C 252 -10.18 7.81 9.73
CA LYS C 252 -11.05 8.90 9.23
C LYS C 252 -10.86 10.17 10.06
N HIS C 253 -10.80 11.34 9.42
CA HIS C 253 -10.53 12.62 10.12
C HIS C 253 -11.82 13.43 10.23
N GLY C 254 -11.99 14.19 11.31
CA GLY C 254 -13.18 15.05 11.41
C GLY C 254 -13.11 15.98 12.59
N VAL C 255 -13.63 17.20 12.45
CA VAL C 255 -13.67 18.14 13.61
C VAL C 255 -15.13 18.28 14.05
N LEU C 256 -15.42 17.99 15.32
CA LEU C 256 -16.82 18.02 15.81
C LEU C 256 -17.21 19.47 16.12
N ALA C 257 -18.52 19.75 16.20
CA ALA C 257 -18.98 21.14 16.36
C ALA C 257 -19.04 21.55 17.83
N HIS C 258 -19.09 20.58 18.74
CA HIS C 258 -19.06 20.93 20.19
C HIS C 258 -17.61 21.12 20.58
N HIS C 259 -16.70 20.87 19.65
CA HIS C 259 -15.25 21.11 19.90
C HIS C 259 -14.90 22.49 19.39
N ILE C 260 -15.61 22.98 18.37
CA ILE C 260 -15.35 24.33 17.81
C ILE C 260 -15.91 25.39 18.76
N ARG C 261 -15.05 26.23 19.32
CA ARG C 261 -15.52 27.35 20.17
C ARG C 261 -14.86 28.61 19.66
N GLY C 262 -15.66 29.61 19.28
CA GLY C 262 -15.12 30.84 18.70
C GLY C 262 -14.99 30.68 17.20
N ARG C 263 -14.43 31.68 16.52
CA ARG C 263 -14.18 31.54 15.07
C ARG C 263 -12.83 30.82 14.93
N ARG C 264 -12.77 29.81 14.09
CA ARG C 264 -11.52 29.06 13.89
C ARG C 264 -11.29 28.95 12.39
N ILE C 265 -10.08 29.24 11.93
CA ILE C 265 -9.77 29.03 10.49
C ILE C 265 -8.84 27.82 10.41
N ALA C 266 -8.80 27.17 9.26
CA ALA C 266 -7.88 26.02 9.08
C ALA C 266 -7.17 26.13 7.74
N LEU C 267 -5.86 26.39 7.77
CA LEU C 267 -5.06 26.46 6.53
C LEU C 267 -4.83 25.03 6.08
N THR C 268 -5.66 24.51 5.19
CA THR C 268 -5.53 23.08 4.79
C THR C 268 -4.76 22.95 3.49
N MET C 269 -3.50 22.53 3.56
CA MET C 269 -2.69 22.33 2.34
C MET C 269 -2.68 20.84 2.01
N ARG C 270 -2.91 20.49 0.74
CA ARG C 270 -2.92 19.08 0.29
C ARG C 270 -1.75 18.86 -0.69
N GLU C 271 -1.47 17.60 -1.07
CA GLU C 271 -0.30 17.31 -1.94
C GLU C 271 -0.69 16.44 -3.13
N ALA C 272 0.23 16.24 -4.08
CA ALA C 272 -0.06 15.50 -5.33
C ALA C 272 -0.02 13.98 -5.16
N ALA C 273 -0.77 13.24 -6.00
CA ALA C 273 -0.79 11.77 -5.95
C ALA C 273 0.22 11.21 -6.95
N LYS C 274 0.35 9.90 -7.04
CA LYS C 274 1.38 9.28 -7.91
C LYS C 274 1.10 9.59 -9.38
N ASP C 275 -0.14 9.42 -9.80
CA ASP C 275 -0.52 9.64 -11.21
C ASP C 275 -0.28 11.09 -11.59
N PHE C 276 -0.52 12.01 -10.67
CA PHE C 276 -0.40 13.46 -10.97
C PHE C 276 1.04 13.92 -10.79
N ALA C 277 1.92 13.02 -10.36
CA ALA C 277 3.36 13.39 -10.22
C ALA C 277 4.11 12.80 -11.41
N GLU C 278 5.37 13.20 -11.60
CA GLU C 278 6.14 12.74 -12.79
C GLU C 278 6.23 11.22 -12.81
N GLY C 279 6.07 10.62 -13.99
CA GLY C 279 6.12 9.14 -14.11
C GLY C 279 4.74 8.55 -13.92
N GLY C 280 3.76 9.42 -13.69
CA GLY C 280 2.38 8.93 -13.46
C GLY C 280 1.58 8.90 -14.73
N GLU C 281 0.43 8.22 -14.72
CA GLU C 281 -0.38 8.08 -15.95
C GLU C 281 -1.09 9.41 -16.24
N LEU C 282 -1.31 10.23 -15.22
CA LEU C 282 -2.09 11.48 -15.44
C LEU C 282 -1.17 12.70 -15.34
N TYR C 283 0.14 12.49 -15.25
CA TYR C 283 1.10 13.62 -15.23
C TYR C 283 0.97 14.33 -16.57
N GLU C 284 0.84 13.54 -17.64
CA GLU C 284 0.77 14.10 -19.00
C GLU C 284 -0.53 14.89 -19.13
N LYS C 285 -1.60 14.41 -18.51
CA LYS C 285 -2.92 15.07 -18.71
C LYS C 285 -3.05 16.32 -17.84
N TYR C 286 -2.81 16.22 -16.52
CA TYR C 286 -3.03 17.38 -15.62
C TYR C 286 -1.82 17.66 -14.75
N GLY C 287 -1.03 16.63 -14.43
CA GLY C 287 0.09 16.79 -13.48
C GLY C 287 0.96 18.01 -13.70
N ALA C 288 1.63 18.11 -14.85
CA ALA C 288 2.58 19.20 -15.08
C ALA C 288 1.89 20.56 -14.92
N GLU C 289 0.69 20.72 -15.46
CA GLU C 289 -0.02 22.02 -15.40
C GLU C 289 -0.27 22.36 -13.94
N LEU C 290 -0.76 21.40 -13.18
CA LEU C 290 -1.12 21.65 -11.76
C LEU C 290 0.14 21.98 -10.97
N ILE C 291 1.26 21.30 -11.25
CA ILE C 291 2.54 21.64 -10.57
C ILE C 291 2.90 23.08 -10.93
N ARG C 292 2.84 23.43 -12.21
CA ARG C 292 3.24 24.78 -12.67
C ARG C 292 2.35 25.85 -12.04
N LEU C 293 1.05 25.60 -12.01
CA LEU C 293 0.10 26.60 -11.47
C LEU C 293 0.31 26.74 -9.96
N GLY C 294 0.54 25.63 -9.26
CA GLY C 294 0.79 25.66 -7.81
C GLY C 294 2.14 26.24 -7.48
N ASN C 295 3.05 26.29 -8.45
CA ASN C 295 4.38 26.92 -8.22
C ASN C 295 4.23 28.44 -8.31
N ILE C 296 3.21 28.91 -9.05
CA ILE C 296 2.96 30.37 -9.19
C ILE C 296 2.35 30.88 -7.87
N ARG C 297 2.76 32.07 -7.42
CA ARG C 297 2.25 32.65 -6.16
C ARG C 297 1.29 33.80 -6.50
N VAL C 298 0.23 33.98 -5.71
CA VAL C 298 -0.74 35.07 -5.93
C VAL C 298 -0.45 36.17 -4.91
N PRO C 299 0.04 37.35 -5.32
CA PRO C 299 0.25 38.47 -4.39
C PRO C 299 -1.04 38.85 -3.65
N LEU C 300 -1.07 38.65 -2.32
CA LEU C 300 -2.30 38.91 -1.52
C LEU C 300 -2.09 40.15 -0.65
N SER C 301 -0.84 40.54 -0.44
CA SER C 301 -0.55 41.71 0.44
C SER C 301 -1.00 42.99 -0.23
N LYS C 302 -2.05 43.62 0.30
CA LYS C 302 -2.61 44.87 -0.30
C LYS C 302 -3.69 45.42 0.66
N HIS D 49 -27.96 63.01 -1.90
CA HIS D 49 -26.72 63.75 -2.08
C HIS D 49 -26.14 63.55 -3.47
N VAL D 50 -26.92 63.90 -4.49
CA VAL D 50 -26.48 63.74 -5.87
C VAL D 50 -25.69 64.96 -6.33
N ASN D 51 -26.11 66.16 -5.93
CA ASN D 51 -25.46 67.39 -6.35
C ASN D 51 -24.76 68.11 -5.21
N TYR D 52 -24.35 67.36 -4.18
CA TYR D 52 -23.56 67.93 -3.10
C TYR D 52 -22.18 68.32 -3.60
N LYS D 53 -21.64 69.39 -3.04
CA LYS D 53 -20.25 69.75 -3.28
C LYS D 53 -19.35 68.82 -2.47
N VAL D 54 -18.36 68.23 -3.14
CA VAL D 54 -17.58 67.15 -2.56
C VAL D 54 -16.25 67.67 -2.06
N PHE D 55 -15.78 67.08 -0.96
CA PHE D 55 -14.54 67.45 -0.29
C PHE D 55 -13.80 66.17 0.08
N ILE D 56 -12.49 66.31 0.25
CA ILE D 56 -11.64 65.22 0.71
C ILE D 56 -10.84 65.72 1.92
N TYR D 57 -10.68 64.84 2.91
CA TYR D 57 -10.04 65.21 4.17
C TYR D 57 -8.53 65.05 4.07
N ASP D 58 -7.80 66.02 4.63
CA ASP D 58 -6.35 66.00 4.74
C ASP D 58 -5.99 66.01 6.22
N HIS D 59 -5.38 64.92 6.68
CA HIS D 59 -4.98 64.80 8.07
C HIS D 59 -3.71 65.60 8.37
N ILE D 60 -2.86 65.78 7.36
CA ILE D 60 -1.65 66.57 7.56
C ILE D 60 -2.01 67.99 7.94
N ARG D 61 -2.89 68.62 7.16
CA ARG D 61 -3.40 69.94 7.47
C ARG D 61 -4.68 69.89 8.29
N GLN D 62 -5.32 68.72 8.38
CA GLN D 62 -6.57 68.55 9.10
C GLN D 62 -7.65 69.50 8.57
N ILE D 63 -7.84 69.51 7.25
CA ILE D 63 -8.84 70.35 6.62
C ILE D 63 -9.49 69.59 5.48
N ALA D 64 -10.63 70.10 5.01
CA ALA D 64 -11.36 69.50 3.91
C ALA D 64 -11.12 70.33 2.66
N ILE D 65 -10.46 69.74 1.67
CA ILE D 65 -10.16 70.40 0.41
C ILE D 65 -11.30 70.11 -0.56
N PRO D 66 -11.90 71.11 -1.18
CA PRO D 66 -12.88 70.85 -2.24
C PRO D 66 -12.22 70.19 -3.43
N THR D 67 -12.95 69.30 -4.08
CA THR D 67 -12.46 68.61 -5.26
C THR D 67 -13.57 68.54 -6.30
N THR D 68 -13.19 68.44 -7.56
CA THR D 68 -14.13 68.14 -8.63
C THR D 68 -13.91 66.77 -9.24
N ASN D 69 -12.78 66.13 -8.93
CA ASN D 69 -12.54 64.78 -9.40
C ASN D 69 -13.48 63.79 -8.75
N LEU D 70 -13.69 63.92 -7.44
CA LEU D 70 -14.56 63.00 -6.74
C LEU D 70 -16.03 63.35 -6.97
N ASN D 71 -16.89 62.37 -6.71
CA ASN D 71 -18.33 62.54 -6.80
C ASN D 71 -18.99 61.63 -5.78
N SER D 72 -20.32 61.67 -5.76
CA SER D 72 -21.06 60.88 -4.78
C SER D 72 -20.89 59.39 -5.01
N GLN D 73 -20.41 58.99 -6.19
CA GLN D 73 -20.21 57.59 -6.53
C GLN D 73 -18.75 57.25 -6.80
N SER D 74 -17.82 57.96 -6.16
CA SER D 74 -16.40 57.72 -6.42
C SER D 74 -15.96 56.37 -5.89
N SER D 75 -15.10 55.70 -6.66
CA SER D 75 -14.60 54.39 -6.26
C SER D 75 -13.55 54.53 -5.17
N LEU D 76 -13.38 53.45 -4.41
CA LEU D 76 -12.49 53.48 -3.25
C LEU D 76 -11.07 53.85 -3.64
N GLU D 77 -10.57 53.27 -4.74
CA GLU D 77 -9.20 53.54 -5.16
C GLU D 77 -9.01 55.01 -5.50
N ASP D 78 -9.97 55.61 -6.19
CA ASP D 78 -9.87 57.02 -6.54
C ASP D 78 -9.91 57.90 -5.30
N ILE D 79 -10.74 57.55 -4.31
CA ILE D 79 -10.78 58.34 -3.08
C ILE D 79 -9.46 58.24 -2.32
N ILE D 80 -8.86 57.04 -2.29
CA ILE D 80 -7.57 56.92 -1.63
C ILE D 80 -6.51 57.74 -2.37
N ASP D 81 -6.54 57.70 -3.70
CA ASP D 81 -5.59 58.48 -4.49
C ASP D 81 -5.78 59.97 -4.24
N GLU D 82 -7.03 60.43 -4.18
CA GLU D 82 -7.29 61.84 -3.91
C GLU D 82 -6.87 62.22 -2.50
N SER D 83 -7.04 61.31 -1.54
CA SER D 83 -6.59 61.57 -0.18
C SER D 83 -5.09 61.76 -0.14
N THR D 84 -4.35 60.97 -0.91
CA THR D 84 -2.91 61.15 -0.98
C THR D 84 -2.54 62.41 -1.75
N SER D 85 -3.34 62.76 -2.77
CA SER D 85 -2.96 63.84 -3.67
C SER D 85 -3.31 65.21 -3.11
N CYS D 86 -4.36 65.30 -2.30
CA CYS D 86 -4.83 66.59 -1.82
C CYS D 86 -3.81 67.27 -0.92
N GLN D 87 -2.82 66.51 -0.44
CA GLN D 87 -1.76 67.10 0.38
C GLN D 87 -1.05 68.21 -0.37
N SER D 88 -0.95 68.08 -1.70
CA SER D 88 -0.30 69.12 -2.49
C SER D 88 -1.24 70.29 -2.76
N VAL D 89 -2.54 70.01 -2.89
CA VAL D 89 -3.49 71.03 -3.31
C VAL D 89 -3.55 72.15 -2.26
N SER D 90 -3.65 73.38 -2.74
CA SER D 90 -3.67 74.53 -1.87
C SER D 90 -4.90 74.54 -0.98
N THR D 91 -4.83 75.35 0.08
CA THR D 91 -5.91 75.43 1.05
C THR D 91 -7.03 76.37 0.63
N ASP D 92 -6.91 77.00 -0.53
CA ASP D 92 -7.90 77.98 -0.96
C ASP D 92 -9.24 77.29 -1.20
N GLY D 93 -10.29 77.83 -0.60
CA GLY D 93 -11.61 77.26 -0.69
C GLY D 93 -11.88 76.13 0.25
N SER D 94 -10.90 75.72 1.06
CA SER D 94 -11.07 74.60 1.95
C SER D 94 -11.83 75.00 3.20
N ILE D 95 -12.34 73.99 3.91
CA ILE D 95 -13.16 74.23 5.13
C ILE D 95 -12.59 73.36 6.25
N GLU D 96 -13.05 73.59 7.49
CA GLU D 96 -12.59 72.76 8.63
C GLU D 96 -13.83 72.21 9.34
N ILE D 97 -13.77 70.94 9.74
CA ILE D 97 -14.89 70.38 10.54
C ILE D 97 -14.32 70.12 11.93
N ASP D 98 -14.84 70.81 12.94
CA ASP D 98 -14.30 70.66 14.31
C ASP D 98 -14.72 69.31 14.85
N GLY D 99 -13.82 68.64 15.57
CA GLY D 99 -14.15 67.35 16.18
C GLY D 99 -13.82 66.19 15.27
N LEU D 100 -13.44 66.45 14.03
CA LEU D 100 -13.00 65.33 13.16
C LEU D 100 -11.51 65.15 13.42
N THR D 101 -11.14 64.16 14.22
CA THR D 101 -9.71 63.86 14.45
C THR D 101 -9.47 62.43 13.96
N LEU D 102 -8.52 62.24 13.05
CA LEU D 102 -8.16 60.89 12.60
C LEU D 102 -6.70 60.65 12.96
N ILE D 103 -6.41 59.56 13.67
CA ILE D 103 -5.01 59.22 14.03
C ILE D 103 -4.63 57.95 13.27
N HIS D 104 -3.68 58.05 12.35
CA HIS D 104 -3.22 56.87 11.58
C HIS D 104 -2.35 55.99 12.49
N ASN D 105 -2.42 54.68 12.33
CA ASN D 105 -1.57 53.74 13.11
C ASN D 105 -1.77 53.96 14.60
N PHE D 106 -3.01 54.16 15.03
CA PHE D 106 -3.32 54.28 16.48
C PHE D 106 -2.99 52.96 17.16
N LEU D 107 -3.27 51.85 16.48
CA LEU D 107 -3.08 50.52 17.09
C LEU D 107 -1.83 49.87 16.50
N SER D 108 -0.95 49.37 17.37
CA SER D 108 0.23 48.62 16.90
C SER D 108 -0.26 47.28 16.35
N GLU D 109 0.52 46.63 15.50
CA GLU D 109 0.00 45.39 14.89
C GLU D 109 -0.32 44.40 16.01
N SER D 110 0.52 44.35 17.04
CA SER D 110 0.30 43.42 18.17
C SER D 110 -1.01 43.76 18.88
N GLU D 111 -1.28 45.05 19.09
CA GLU D 111 -2.51 45.45 19.82
C GLU D 111 -3.71 45.00 19.00
N GLU D 112 -3.65 45.19 17.68
CA GLU D 112 -4.77 44.79 16.80
C GLU D 112 -4.91 43.26 16.85
N SER D 113 -3.80 42.54 16.81
CA SER D 113 -3.87 41.06 16.79
C SER D 113 -4.54 40.57 18.07
N LYS D 114 -4.19 41.17 19.21
CA LYS D 114 -4.77 40.76 20.51
C LYS D 114 -6.27 41.05 20.51
N ILE D 115 -6.67 42.23 20.04
CA ILE D 115 -8.10 42.61 20.03
C ILE D 115 -8.86 41.68 19.08
N LEU D 116 -8.30 41.39 17.91
CA LEU D 116 -8.97 40.53 16.90
C LEU D 116 -9.17 39.10 17.42
N ASN D 117 -8.17 38.55 18.12
CA ASN D 117 -8.32 37.18 18.67
C ASN D 117 -9.46 37.18 19.69
N MET D 118 -9.49 38.19 20.57
CA MET D 118 -10.54 38.24 21.61
C MET D 118 -11.90 38.42 20.93
N ILE D 119 -11.99 39.27 19.90
CA ILE D 119 -13.28 39.55 19.21
C ILE D 119 -13.78 38.28 18.52
N ASP D 120 -12.89 37.55 17.84
CA ASP D 120 -13.31 36.32 17.10
C ASP D 120 -13.67 35.20 18.08
N THR D 121 -13.04 35.14 19.26
CA THR D 121 -13.45 34.13 20.27
C THR D 121 -14.89 34.38 20.71
N VAL D 122 -15.29 35.66 20.85
CA VAL D 122 -16.72 35.97 21.18
C VAL D 122 -17.58 35.69 19.95
N LYS D 123 -18.81 35.24 20.16
CA LYS D 123 -19.74 34.95 19.05
C LYS D 123 -20.27 36.25 18.43
N TRP D 124 -20.50 36.25 17.12
CA TRP D 124 -21.00 37.45 16.41
C TRP D 124 -22.50 37.31 16.20
N ALA D 125 -23.25 38.42 16.30
CA ALA D 125 -24.72 38.36 16.20
C ALA D 125 -25.19 39.09 14.94
N LYS D 126 -26.32 38.67 14.37
CA LYS D 126 -26.84 39.31 13.14
C LYS D 126 -27.28 40.74 13.43
N SER D 127 -27.07 41.65 12.47
CA SER D 127 -27.51 43.07 12.61
C SER D 127 -27.89 43.57 11.23
N LYS D 128 -28.37 44.80 11.11
CA LYS D 128 -28.92 45.31 9.83
C LYS D 128 -27.87 45.56 8.74
N SER D 129 -28.30 45.55 7.47
CA SER D 129 -27.41 45.91 6.33
C SER D 129 -26.21 44.98 6.15
N GLY D 130 -26.34 43.69 6.46
CA GLY D 130 -25.26 42.73 6.20
C GLY D 130 -24.16 42.85 7.23
N ARG D 131 -24.38 43.64 8.26
CA ARG D 131 -23.32 43.87 9.27
C ARG D 131 -23.61 43.02 10.49
N ARG D 132 -22.69 42.12 10.85
CA ARG D 132 -22.84 41.37 12.11
C ARG D 132 -22.40 42.30 13.23
N LYS D 133 -22.87 42.09 14.45
CA LYS D 133 -22.54 43.06 15.52
C LYS D 133 -22.23 42.37 16.85
N GLN D 134 -21.36 42.97 17.64
CA GLN D 134 -21.09 42.46 19.01
C GLN D 134 -21.41 43.64 19.92
N ASP D 135 -22.30 43.49 20.88
CA ASP D 135 -22.72 44.68 21.66
C ASP D 135 -22.27 44.58 23.11
N TYR D 136 -21.62 45.61 23.61
CA TYR D 136 -21.16 45.65 25.02
C TYR D 136 -21.84 46.84 25.68
N GLY D 137 -23.04 47.17 25.23
CA GLY D 137 -23.79 48.33 25.77
C GLY D 137 -25.18 47.95 26.22
N PRO D 138 -25.85 48.76 27.05
CA PRO D 138 -27.18 48.44 27.56
C PRO D 138 -28.22 48.48 26.43
N LYS D 139 -29.28 47.68 26.53
CA LYS D 139 -30.36 47.76 25.50
C LYS D 139 -31.10 49.09 25.71
N VAL D 140 -31.32 49.86 24.64
CA VAL D 140 -31.95 51.19 24.78
C VAL D 140 -33.07 51.39 23.74
N ASN D 141 -34.23 51.92 24.17
CA ASN D 141 -35.29 52.28 23.20
C ASN D 141 -35.15 53.79 23.03
N PHE D 142 -34.59 54.24 21.91
CA PHE D 142 -34.28 55.69 21.76
C PHE D 142 -35.52 56.58 21.76
N LYS D 143 -36.56 56.21 21.00
CA LYS D 143 -37.77 57.07 20.89
C LYS D 143 -38.49 57.18 22.24
N HIS D 144 -38.57 56.06 22.97
CA HIS D 144 -39.34 56.04 24.25
C HIS D 144 -38.43 56.41 25.42
N LYS D 145 -37.17 56.69 25.14
CA LYS D 145 -36.23 57.12 26.21
C LYS D 145 -36.19 56.07 27.33
N LYS D 146 -36.00 54.80 26.97
CA LYS D 146 -35.92 53.70 27.98
C LYS D 146 -34.59 52.95 27.87
N VAL D 147 -33.94 52.67 28.99
CA VAL D 147 -32.67 51.88 29.01
C VAL D 147 -32.86 50.66 29.92
N LYS D 148 -32.53 49.46 29.45
CA LYS D 148 -32.61 48.25 30.31
C LYS D 148 -31.21 47.65 30.43
N THR D 149 -30.73 47.45 31.66
CA THR D 149 -29.32 47.00 31.86
C THR D 149 -29.23 45.51 32.21
N ASP D 150 -30.33 44.77 32.11
CA ASP D 150 -30.31 43.34 32.52
C ASP D 150 -29.32 42.58 31.63
N THR D 151 -29.33 42.84 30.32
CA THR D 151 -28.42 42.16 29.37
C THR D 151 -26.96 42.55 29.66
N PHE D 152 -26.73 43.80 30.03
CA PHE D 152 -25.35 44.29 30.23
C PHE D 152 -24.68 43.51 31.35
N VAL D 153 -23.45 43.04 31.12
CA VAL D 153 -22.69 42.33 32.19
C VAL D 153 -21.33 43.02 32.37
N GLY D 154 -21.08 44.09 31.60
CA GLY D 154 -19.79 44.79 31.68
C GLY D 154 -19.29 45.25 30.32
N MET D 155 -18.00 45.60 30.24
CA MET D 155 -17.39 46.10 28.97
C MET D 155 -16.18 45.22 28.65
N PRO D 156 -15.72 45.11 27.39
CA PRO D 156 -14.63 44.19 27.04
C PRO D 156 -13.27 44.53 27.65
N GLU D 157 -12.40 43.52 27.84
CA GLU D 157 -11.09 43.73 28.49
C GLU D 157 -10.20 44.69 27.70
N TYR D 158 -10.22 44.61 26.37
CA TYR D 158 -9.32 45.42 25.54
C TYR D 158 -9.62 46.91 25.70
N ALA D 159 -10.83 47.26 26.13
CA ALA D 159 -11.23 48.68 26.20
C ALA D 159 -10.32 49.51 27.10
N ASP D 160 -9.93 48.98 28.25
CA ASP D 160 -9.12 49.78 29.21
C ASP D 160 -7.79 50.14 28.54
N MET D 161 -7.20 49.20 27.80
CA MET D 161 -5.89 49.45 27.16
C MET D 161 -6.05 50.60 26.18
N LEU D 162 -7.14 50.60 25.42
CA LEU D 162 -7.36 51.65 24.40
C LEU D 162 -7.50 52.99 25.12
N LEU D 163 -8.22 53.02 26.24
CA LEU D 163 -8.50 54.31 26.90
C LEU D 163 -7.23 55.01 27.39
N ASN D 164 -6.27 54.27 27.96
CA ASN D 164 -5.00 54.91 28.37
C ASN D 164 -4.28 55.48 27.15
N LYS D 165 -4.25 54.72 26.06
CA LYS D 165 -3.56 55.18 24.82
C LYS D 165 -4.26 56.43 24.29
N MET D 166 -5.59 56.43 24.32
CA MET D 166 -6.34 57.58 23.78
C MET D 166 -5.97 58.80 24.62
N SER D 167 -5.89 58.64 25.94
CA SER D 167 -5.59 59.78 26.84
C SER D 167 -4.19 60.32 26.53
N GLU D 168 -3.26 59.43 26.21
CA GLU D 168 -1.87 59.86 25.91
C GLU D 168 -1.86 60.79 24.71
N TYR D 169 -2.61 60.46 23.66
CA TYR D 169 -2.52 61.28 22.43
C TYR D 169 -3.01 62.69 22.74
N ASP D 170 -4.20 62.80 23.34
CA ASP D 170 -4.74 64.11 23.74
C ASP D 170 -5.74 63.91 24.86
N VAL D 171 -5.38 64.28 26.08
CA VAL D 171 -6.33 64.16 27.23
C VAL D 171 -7.49 65.09 26.89
N LYS D 172 -7.19 66.21 26.23
CA LYS D 172 -8.24 67.22 25.96
C LYS D 172 -9.36 66.65 25.08
N LYS D 173 -9.02 65.91 24.02
CA LYS D 173 -10.11 65.47 23.10
C LYS D 173 -10.31 63.95 23.18
N LEU D 174 -9.27 63.22 23.54
CA LEU D 174 -9.35 61.73 23.56
C LEU D 174 -9.22 61.23 25.00
N GLY D 175 -9.45 62.10 25.98
CA GLY D 175 -9.26 61.72 27.39
C GLY D 175 -10.49 62.01 28.22
N ASN D 176 -10.55 61.47 29.45
CA ASN D 176 -11.73 61.65 30.32
C ASN D 176 -12.96 61.09 29.61
N TYR D 177 -12.80 59.93 28.96
CA TYR D 177 -13.92 59.26 28.26
C TYR D 177 -14.48 58.14 29.12
N GLN D 178 -15.79 58.18 29.38
CA GLN D 178 -16.43 57.07 30.12
C GLN D 178 -17.37 56.36 29.14
N PRO D 179 -17.19 55.06 28.86
CA PRO D 179 -18.00 54.38 27.85
C PRO D 179 -19.43 54.02 28.27
N PHE D 180 -20.40 54.29 27.39
CA PHE D 180 -21.78 53.82 27.66
C PHE D 180 -22.06 52.65 26.73
N GLU D 181 -21.32 52.57 25.62
CA GLU D 181 -21.50 51.45 24.67
C GLU D 181 -20.18 51.16 23.97
N MET D 182 -19.96 49.91 23.58
CA MET D 182 -18.76 49.55 22.78
C MET D 182 -19.19 48.50 21.75
N CYS D 183 -20.03 48.90 20.80
CA CYS D 183 -20.49 47.97 19.75
C CYS D 183 -19.31 47.65 18.82
N ASN D 184 -19.24 46.43 18.33
CA ASN D 184 -18.20 46.09 17.32
C ASN D 184 -18.97 45.75 16.05
N LEU D 185 -18.62 46.37 14.92
CA LEU D 185 -19.42 46.17 13.68
C LEU D 185 -18.60 45.46 12.62
N GLU D 186 -19.15 44.43 11.98
CA GLU D 186 -18.41 43.64 10.97
C GLU D 186 -19.02 43.86 9.59
N TYR D 187 -18.17 44.10 8.59
CA TYR D 187 -18.65 44.36 7.22
C TYR D 187 -17.91 43.40 6.29
N GLU D 188 -18.56 42.95 5.22
CA GLU D 188 -17.84 42.10 4.23
C GLU D 188 -18.17 42.56 2.82
N GLU D 189 -17.18 42.55 1.93
CA GLU D 189 -17.39 42.99 0.52
C GLU D 189 -18.39 42.03 -0.15
N VAL D 190 -18.26 40.73 0.13
CA VAL D 190 -19.19 39.72 -0.43
C VAL D 190 -20.60 39.99 0.12
N LYS D 191 -20.70 40.39 1.39
CA LYS D 191 -22.03 40.56 2.03
C LYS D 191 -22.61 41.95 1.75
N LYS D 192 -21.86 42.81 1.05
CA LYS D 192 -22.36 44.15 0.67
C LYS D 192 -22.82 44.87 1.94
N SER D 193 -22.06 44.74 3.01
CA SER D 193 -22.43 45.35 4.32
C SER D 193 -22.00 46.81 4.37
N ALA D 194 -22.88 47.68 4.83
CA ALA D 194 -22.53 49.11 4.97
C ALA D 194 -23.47 49.74 6.00
N ILE D 195 -23.12 50.88 6.57
CA ILE D 195 -24.09 51.57 7.47
C ILE D 195 -24.65 52.76 6.69
N GLU D 196 -25.98 52.87 6.63
CA GLU D 196 -26.63 53.94 5.82
C GLU D 196 -26.28 55.28 6.44
N MET D 197 -26.25 56.34 5.62
CA MET D 197 -25.81 57.63 6.19
C MET D 197 -26.71 57.92 7.37
N HIS D 198 -26.11 58.23 8.52
CA HIS D 198 -26.96 58.37 9.72
C HIS D 198 -26.35 59.34 10.72
N GLN D 199 -27.17 59.89 11.59
CA GLN D 199 -26.65 60.71 12.70
C GLN D 199 -26.96 59.89 13.95
N ASP D 200 -25.97 59.59 14.78
CA ASP D 200 -26.21 58.69 15.94
C ASP D 200 -27.08 59.39 16.98
N ASP D 201 -27.86 58.63 17.74
CA ASP D 201 -28.81 59.22 18.71
C ASP D 201 -28.02 60.06 19.72
N MET D 202 -28.50 61.26 20.01
CA MET D 202 -27.79 62.15 20.96
C MET D 202 -28.45 62.07 22.34
N TRP D 203 -29.57 61.35 22.46
CA TRP D 203 -30.27 61.36 23.78
C TRP D 203 -29.38 60.71 24.84
N ILE D 204 -28.79 59.55 24.53
CA ILE D 204 -27.97 58.81 25.54
C ILE D 204 -26.51 58.83 25.10
N TRP D 205 -26.26 58.79 23.79
CA TRP D 205 -24.86 58.78 23.29
C TRP D 205 -24.26 60.18 23.42
N GLY D 206 -22.98 60.27 23.78
CA GLY D 206 -22.34 61.58 24.03
C GLY D 206 -21.71 62.23 22.82
N ASN D 207 -20.99 63.33 23.05
CA ASN D 207 -20.35 64.11 21.96
C ASN D 207 -19.29 63.31 21.21
N ARG D 208 -18.48 62.52 21.91
CA ARG D 208 -17.37 61.85 21.20
C ARG D 208 -17.78 60.47 20.71
N LEU D 209 -17.74 60.25 19.40
CA LEU D 209 -18.04 58.91 18.83
C LEU D 209 -16.72 58.40 18.24
N ILE D 210 -16.25 57.23 18.67
CA ILE D 210 -14.90 56.77 18.23
C ILE D 210 -15.01 55.47 17.44
N SER D 211 -14.42 55.42 16.24
CA SER D 211 -14.39 54.17 15.45
C SER D 211 -12.94 53.79 15.15
N ILE D 212 -12.54 52.58 15.52
CA ILE D 212 -11.16 52.09 15.22
C ILE D 212 -11.27 51.07 14.10
N ASN D 213 -10.63 51.33 12.97
CA ASN D 213 -10.72 50.44 11.79
C ASN D 213 -9.76 49.26 11.99
N LEU D 214 -10.26 48.03 11.84
CA LEU D 214 -9.42 46.83 12.08
C LEU D 214 -9.49 45.94 10.85
N ILE D 215 -8.42 45.20 10.56
CA ILE D 215 -8.35 44.27 9.40
C ILE D 215 -8.26 45.03 8.08
N ASN D 216 -9.26 45.84 7.73
CA ASN D 216 -9.25 46.49 6.40
C ASN D 216 -9.73 47.94 6.53
N GLY D 217 -9.28 48.81 5.62
CA GLY D 217 -9.69 50.21 5.63
C GLY D 217 -11.01 50.47 4.91
N SER D 218 -11.63 51.61 5.17
CA SER D 218 -12.88 52.01 4.47
C SER D 218 -12.96 53.53 4.53
N VAL D 219 -13.89 54.12 3.79
CA VAL D 219 -14.02 55.61 3.75
C VAL D 219 -15.26 56.03 4.53
N MET D 220 -15.11 56.94 5.50
CA MET D 220 -16.29 57.47 6.21
C MET D 220 -16.82 58.64 5.38
N THR D 221 -18.12 58.62 5.05
CA THR D 221 -18.71 59.68 4.22
C THR D 221 -19.54 60.59 5.12
N LEU D 222 -19.26 61.89 5.09
CA LEU D 222 -19.96 62.86 5.97
C LEU D 222 -20.81 63.81 5.10
N SER D 223 -22.06 64.04 5.48
CA SER D 223 -22.95 64.90 4.66
C SER D 223 -23.56 66.04 5.47
N ASN D 224 -23.43 67.29 5.01
CA ASN D 224 -24.12 68.42 5.68
C ASN D 224 -25.26 68.80 4.76
N ASP D 225 -26.49 68.47 5.16
CA ASP D 225 -27.66 68.71 4.27
C ASP D 225 -27.85 70.21 4.04
N ASN D 226 -27.68 71.02 5.10
CA ASN D 226 -27.92 72.48 4.97
C ASN D 226 -26.92 73.13 4.00
N LYS D 227 -25.64 72.76 4.09
CA LYS D 227 -24.60 73.40 3.25
C LYS D 227 -24.35 72.54 1.99
N SER D 228 -25.09 71.45 1.83
CA SER D 228 -24.96 70.61 0.62
C SER D 228 -23.50 70.18 0.44
N PHE D 229 -22.86 69.71 1.50
CA PHE D 229 -21.42 69.34 1.45
C PHE D 229 -21.22 67.85 1.73
N LEU D 230 -20.44 67.16 0.91
CA LEU D 230 -20.12 65.74 1.19
C LEU D 230 -18.61 65.64 1.42
N CYS D 231 -18.17 65.11 2.57
CA CYS D 231 -16.72 64.95 2.83
C CYS D 231 -16.39 63.47 3.03
N TYR D 232 -15.37 63.01 2.31
CA TYR D 232 -14.92 61.61 2.45
C TYR D 232 -13.65 61.63 3.29
N VAL D 233 -13.65 60.98 4.45
CA VAL D 233 -12.40 60.89 5.24
C VAL D 233 -11.91 59.44 5.10
N HIS D 234 -10.73 59.27 4.51
CA HIS D 234 -10.25 57.88 4.30
C HIS D 234 -9.70 57.39 5.62
N MET D 235 -10.27 56.32 6.14
CA MET D 235 -9.75 55.73 7.39
C MET D 235 -8.89 54.54 7.01
N PRO D 236 -7.56 54.62 7.17
CA PRO D 236 -6.68 53.51 6.85
C PRO D 236 -6.80 52.42 7.93
N HIS D 237 -6.37 51.21 7.61
CA HIS D 237 -6.47 50.09 8.59
C HIS D 237 -5.64 50.43 9.83
N ARG D 238 -6.16 50.14 11.02
CA ARG D 238 -5.48 50.48 12.30
C ARG D 238 -5.56 51.99 12.58
N SER D 239 -6.54 52.67 11.99
CA SER D 239 -6.73 54.13 12.24
C SER D 239 -7.85 54.35 13.25
N LEU D 240 -7.77 55.43 14.03
CA LEU D 240 -8.88 55.78 14.95
C LEU D 240 -9.53 57.06 14.43
N LEU D 241 -10.85 57.05 14.29
CA LEU D 241 -11.59 58.28 13.87
C LEU D 241 -12.43 58.72 15.05
N CYS D 242 -12.34 60.00 15.43
CA CYS D 242 -13.24 60.51 16.49
C CYS D 242 -14.17 61.52 15.84
N MET D 243 -15.48 61.33 16.00
CA MET D 243 -16.44 62.33 15.48
C MET D 243 -17.00 63.06 16.70
N ALA D 244 -16.77 64.36 16.77
CA ALA D 244 -17.19 65.13 17.96
C ALA D 244 -17.67 66.51 17.52
N ASP D 245 -18.37 67.21 18.40
CA ASP D 245 -18.80 68.60 18.11
C ASP D 245 -19.49 68.69 16.75
N GLU D 246 -18.97 69.51 15.86
CA GLU D 246 -19.67 69.78 14.58
C GLU D 246 -19.87 68.48 13.80
N CYS D 247 -18.87 67.62 13.78
CA CYS D 247 -18.98 66.39 12.96
C CYS D 247 -20.14 65.53 13.46
N ARG D 248 -20.27 65.39 14.77
CA ARG D 248 -21.31 64.50 15.35
C ARG D 248 -22.73 65.01 15.15
N TYR D 249 -22.99 66.31 15.37
CA TYR D 249 -24.39 66.78 15.33
C TYR D 249 -24.78 67.38 13.98
N ASP D 250 -23.98 68.31 13.46
CA ASP D 250 -24.32 69.01 12.20
C ASP D 250 -24.26 68.05 11.01
N TRP D 251 -23.32 67.11 11.03
CA TRP D 251 -23.14 66.23 9.86
C TRP D 251 -23.62 64.80 10.08
N LYS D 252 -23.88 64.08 8.99
CA LYS D 252 -24.25 62.67 9.00
C LYS D 252 -23.04 61.84 8.61
N HIS D 253 -22.80 60.76 9.35
CA HIS D 253 -21.68 59.86 9.06
C HIS D 253 -22.19 58.51 8.57
N GLY D 254 -21.50 57.96 7.58
CA GLY D 254 -21.91 56.68 7.03
C GLY D 254 -20.78 55.95 6.35
N VAL D 255 -21.06 54.70 6.00
CA VAL D 255 -20.13 53.84 5.28
C VAL D 255 -20.84 53.30 4.05
N LEU D 256 -20.14 53.26 2.93
CA LEU D 256 -20.72 52.88 1.66
C LEU D 256 -20.23 51.49 1.25
N ALA D 257 -21.06 50.80 0.46
CA ALA D 257 -20.80 49.40 0.13
C ALA D 257 -19.53 49.25 -0.68
N HIS D 258 -19.32 50.12 -1.67
CA HIS D 258 -18.13 50.00 -2.52
C HIS D 258 -16.86 50.42 -1.79
N HIS D 259 -16.99 51.00 -0.61
CA HIS D 259 -15.84 51.42 0.19
C HIS D 259 -15.33 50.33 1.11
N ILE D 260 -15.74 49.08 0.90
CA ILE D 260 -15.33 47.96 1.72
C ILE D 260 -14.56 46.98 0.84
N ARG D 261 -13.38 46.58 1.30
CA ARG D 261 -12.58 45.56 0.64
C ARG D 261 -12.38 44.41 1.61
N GLY D 262 -13.04 43.28 1.36
CA GLY D 262 -12.88 42.10 2.22
C GLY D 262 -13.57 42.28 3.55
N ARG D 263 -12.98 41.76 4.62
CA ARG D 263 -13.65 41.79 5.94
C ARG D 263 -13.16 43.01 6.73
N ARG D 264 -14.10 43.73 7.33
CA ARG D 264 -13.72 44.93 8.11
C ARG D 264 -14.40 44.81 9.48
N ILE D 265 -13.66 45.08 10.55
CA ILE D 265 -14.29 45.09 11.90
C ILE D 265 -14.08 46.50 12.46
N ALA D 266 -15.05 47.02 13.20
CA ALA D 266 -14.95 48.40 13.71
C ALA D 266 -15.32 48.47 15.19
N LEU D 267 -14.39 48.94 16.02
CA LEU D 267 -14.62 49.12 17.46
C LEU D 267 -15.27 50.48 17.62
N THR D 268 -16.49 50.50 18.14
CA THR D 268 -17.35 51.68 18.03
C THR D 268 -17.81 52.08 19.43
N MET D 269 -17.29 53.19 19.93
CA MET D 269 -17.47 53.63 21.30
C MET D 269 -18.36 54.87 21.34
N ARG D 270 -19.45 54.76 22.10
CA ARG D 270 -20.36 55.85 22.39
C ARG D 270 -20.30 56.17 23.88
N GLU D 271 -20.07 57.44 24.21
CA GLU D 271 -19.98 57.85 25.60
C GLU D 271 -21.33 58.34 26.11
N ALA D 272 -21.31 58.88 27.32
CA ALA D 272 -22.50 59.27 28.04
C ALA D 272 -23.00 60.64 27.59
N ALA D 273 -24.32 60.77 27.53
CA ALA D 273 -24.92 62.08 27.35
C ALA D 273 -24.86 62.87 28.65
N LYS D 274 -24.82 64.20 28.51
CA LYS D 274 -24.74 65.07 29.68
C LYS D 274 -25.96 64.92 30.57
N ASP D 275 -27.10 64.53 29.99
CA ASP D 275 -28.28 64.26 30.79
C ASP D 275 -28.02 63.12 31.78
N PHE D 276 -27.19 62.17 31.39
CA PHE D 276 -26.83 61.04 32.24
C PHE D 276 -25.59 61.30 33.08
N ALA D 277 -24.99 62.47 32.96
CA ALA D 277 -23.73 62.77 33.63
C ALA D 277 -23.97 63.14 35.09
N GLU D 278 -22.88 63.27 35.83
CA GLU D 278 -22.94 63.67 37.23
C GLU D 278 -23.69 64.99 37.38
N GLY D 279 -24.78 64.95 38.16
CA GLY D 279 -25.64 66.09 38.31
C GLY D 279 -26.68 66.27 37.23
N GLY D 280 -26.75 65.34 36.28
CA GLY D 280 -27.69 65.48 35.19
C GLY D 280 -29.12 65.17 35.62
N GLU D 281 -30.04 65.37 34.67
CA GLU D 281 -31.45 65.14 34.95
C GLU D 281 -31.74 63.67 35.26
N LEU D 282 -31.07 62.76 34.55
CA LEU D 282 -31.32 61.33 34.71
C LEU D 282 -30.11 60.59 35.27
N TYR D 283 -29.21 61.29 35.97
CA TYR D 283 -28.06 60.62 36.56
C TYR D 283 -28.50 59.62 37.62
N GLU D 284 -29.48 59.98 38.44
CA GLU D 284 -29.92 59.10 39.51
C GLU D 284 -30.64 57.88 38.96
N LYS D 285 -31.40 58.05 37.87
CA LYS D 285 -32.16 56.93 37.32
C LYS D 285 -31.26 55.95 36.59
N TYR D 286 -30.30 56.45 35.79
CA TYR D 286 -29.45 55.56 35.00
C TYR D 286 -27.97 55.85 35.12
N GLY D 287 -27.59 57.11 35.34
CA GLY D 287 -26.22 57.53 35.09
C GLY D 287 -25.19 56.80 35.92
N ALA D 288 -25.36 56.82 37.25
CA ALA D 288 -24.37 56.19 38.12
C ALA D 288 -24.30 54.69 37.89
N GLU D 289 -25.46 54.04 37.71
CA GLU D 289 -25.46 52.62 37.41
C GLU D 289 -24.68 52.33 36.13
N LEU D 290 -24.90 53.12 35.09
CA LEU D 290 -24.20 52.90 33.83
C LEU D 290 -22.70 53.12 33.99
N ILE D 291 -22.30 54.13 34.76
CA ILE D 291 -20.87 54.35 34.99
C ILE D 291 -20.24 53.16 35.70
N ARG D 292 -20.89 52.65 36.74
CA ARG D 292 -20.31 51.56 37.52
C ARG D 292 -20.29 50.26 36.73
N LEU D 293 -21.30 49.99 35.91
CA LEU D 293 -21.22 48.83 35.04
C LEU D 293 -20.18 49.01 33.93
N GLY D 294 -19.98 50.25 33.47
CA GLY D 294 -18.95 50.48 32.47
C GLY D 294 -17.55 50.27 33.03
N ASN D 295 -17.34 50.65 34.29
CA ASN D 295 -16.04 50.43 34.91
C ASN D 295 -15.76 48.94 35.08
N ILE D 296 -16.80 48.10 35.03
CA ILE D 296 -16.60 46.66 35.14
C ILE D 296 -15.93 46.15 33.88
N ARG D 297 -15.21 45.04 34.01
CA ARG D 297 -14.47 44.44 32.91
C ARG D 297 -14.89 43.00 32.70
N VAL D 298 -14.84 42.57 31.45
CA VAL D 298 -15.15 41.19 31.05
C VAL D 298 -13.85 40.52 30.64
N PRO D 299 -13.43 39.43 31.28
CA PRO D 299 -12.18 38.77 30.92
C PRO D 299 -12.35 37.96 29.64
N LEU D 300 -11.78 38.46 28.55
CA LEU D 300 -11.86 37.82 27.24
C LEU D 300 -10.60 37.04 26.89
N SER D 301 -9.61 37.02 27.77
CA SER D 301 -8.34 36.37 27.47
C SER D 301 -8.53 34.87 27.33
N LYS D 302 -7.84 34.29 26.35
CA LYS D 302 -7.82 32.85 26.13
C LYS D 302 -6.43 32.33 26.48
N THR D 303 -6.34 31.60 27.59
CA THR D 303 -5.06 31.05 28.03
C THR D 303 -5.29 29.88 28.98
MN MN E . 13.73 -53.40 -26.94
MN MN F . -2.56 -24.64 0.70
C1 AKG G . -1.32 -25.90 -0.05
O1 AKG G . -0.61 -25.73 0.97
O2 AKG G . -2.51 -26.25 0.08
C2 AKG G . -0.72 -25.68 -1.43
O5 AKG G . -1.06 -24.75 -2.08
C3 AKG G . 0.33 -26.64 -1.97
C4 AKG G . 1.69 -25.94 -2.00
C5 AKG G . 2.21 -25.82 -3.42
O3 AKG G . 3.04 -24.91 -3.70
O4 AKG G . 1.82 -26.60 -4.32
MN MN H . -10.05 16.18 5.43
C1 AKG I . -9.62 17.79 5.39
O1 AKG I . -10.59 18.32 4.86
O2 AKG I . -8.56 17.63 4.81
C2 AKG I . -9.74 17.37 6.60
O5 AKG I . -9.43 16.21 6.85
C3 AKG I . -10.27 18.22 7.73
C4 AKG I . -9.34 19.36 8.12
C5 AKG I . -10.05 20.59 8.65
O3 AKG I . -10.88 21.16 7.92
O4 AKG I . -9.79 20.97 9.81
MN MN J . -23.09 56.05 13.43
#